data_3VSK
#
_entry.id   3VSK
#
_cell.length_a   143.419
_cell.length_b   143.419
_cell.length_c   189.359
_cell.angle_alpha   90.00
_cell.angle_beta   90.00
_cell.angle_gamma   90.00
#
_symmetry.space_group_name_H-M   'P 43 21 2'
#
loop_
_entity.id
_entity.type
_entity.pdbx_description
1 polymer 'Penicillin-binding protein 3'
2 water water
#
_entity_poly.entity_id   1
_entity_poly.type   'polypeptide(L)'
_entity_poly.pdbx_seq_one_letter_code
;AQGSHYKQIIKNDENITVNESVPRGRILDRNGKVLVDNASKMAITYTRGRKTTQSEMLDTAEKLSKLIKMDTKKITERDK
KDFWIQLHPKKAKAMMTKEQAMLADGSIKQDQYDKQLLSKIRKSQLDELSSKDLQVLAIFREMNAGTVLDPQMIKNEDVS
EKEYAAVSQQLSKLPGVNTSMDWDRKYPYGDTLRGIFGDVSTPAEGIPKELTEHYLSKGYSRNDRVGKSYLEYQYEDVLR
GKKKEMKYTTDKSGKVTSSEVLNPGARGQDLKLTIDIDLQKEVEALLDKQIKKLRSQGAKDMDNAMMVVQNPKNGDILAL
AGKQINKSGKMTDYDIGTFTSQFAVGSSVKGGTLLAGYQNKAIKVGETMVDEPLHFQGGLTKRSYFNKNGHVSINDKQAL
MHSSNVYMFKTALKLAGDPYYSGMALPSDISSPAQKLRRGLNQVGLGVKTGIDLPNETRGQIEPLTNNPGNYLDLSIGQY
DTYTPLQLSQYVSTIANDGYRIQPHIGLTIHESTNKDEVGPLKKKINGTVLNKVNNTEKEIKQIQEGFKMAFNDKDGTGY
VSFKDTVVPTAGKTGTAEVFQNGEPRVNSTYIGYAPIDDPKLAFSIVYTNQPVPPPWLTGGDLGRDVINYYFKQLGKDDK
NKDKDK
;
_entity_poly.pdbx_strand_id   A,B
#
# COMPACT_ATOMS: atom_id res chain seq x y z
N ALA A 1 2.94 -39.64 13.77
CA ALA A 1 4.31 -39.89 13.37
C ALA A 1 5.09 -38.59 13.19
N GLN A 2 5.14 -37.77 14.25
CA GLN A 2 5.99 -36.57 14.26
C GLN A 2 7.46 -36.95 14.17
N GLY A 3 8.11 -36.58 13.08
CA GLY A 3 9.53 -36.81 12.94
C GLY A 3 10.29 -35.64 13.52
N SER A 4 11.59 -35.81 13.71
CA SER A 4 12.40 -34.68 14.15
C SER A 4 13.81 -34.70 13.55
N HIS A 5 14.24 -33.54 13.07
CA HIS A 5 15.61 -33.34 12.61
C HIS A 5 16.32 -32.51 13.66
N TYR A 6 17.57 -32.83 14.00
CA TYR A 6 18.35 -31.99 14.91
C TYR A 6 18.53 -30.59 14.30
N LYS A 7 18.52 -29.56 15.16
CA LYS A 7 18.61 -28.17 14.70
C LYS A 7 19.67 -27.40 15.50
N GLN A 8 19.68 -27.58 16.82
CA GLN A 8 20.55 -26.80 17.69
C GLN A 8 21.10 -27.64 18.85
N ILE A 9 22.41 -27.57 19.06
CA ILE A 9 23.08 -28.23 20.20
C ILE A 9 23.97 -27.22 20.93
N ILE A 10 23.50 -26.73 22.07
CA ILE A 10 24.24 -25.79 22.92
C ILE A 10 24.93 -26.51 24.10
N LYS A 11 26.25 -26.42 24.20
CA LYS A 11 26.94 -26.89 25.42
C LYS A 11 27.15 -25.72 26.39
N ASN A 12 26.68 -25.87 27.62
CA ASN A 12 27.00 -24.89 28.66
C ASN A 12 28.25 -25.32 29.39
N ASP A 13 28.08 -26.00 30.51
CA ASP A 13 29.20 -26.70 31.13
C ASP A 13 28.91 -28.18 31.00
N GLU A 14 28.17 -28.73 31.95
CA GLU A 14 27.79 -30.13 31.87
C GLU A 14 26.47 -30.33 31.12
N ASN A 15 25.75 -29.24 30.93
CA ASN A 15 24.45 -29.32 30.28
C ASN A 15 24.53 -29.14 28.76
N ILE A 16 24.01 -30.12 28.04
CA ILE A 16 23.83 -29.98 26.60
C ILE A 16 22.34 -29.94 26.29
N THR A 17 21.89 -28.90 25.57
CA THR A 17 20.50 -28.85 25.16
C THR A 17 20.41 -29.13 23.68
N VAL A 18 19.52 -30.06 23.31
CA VAL A 18 19.33 -30.40 21.91
C VAL A 18 17.94 -30.04 21.46
N ASN A 19 17.84 -29.19 20.44
CA ASN A 19 16.55 -28.83 19.87
C ASN A 19 16.34 -29.51 18.52
N GLU A 20 15.16 -30.09 18.32
CA GLU A 20 14.87 -30.74 17.05
C GLU A 20 13.67 -30.10 16.38
N SER A 21 13.76 -29.86 15.08
CA SER A 21 12.63 -29.27 14.38
C SER A 21 11.60 -30.36 14.04
N VAL A 22 10.35 -29.95 13.88
CA VAL A 22 9.29 -30.87 13.55
C VAL A 22 8.47 -30.33 12.39
N PRO A 23 7.74 -31.22 11.70
CA PRO A 23 6.93 -30.83 10.55
C PRO A 23 5.90 -29.76 10.87
N ARG A 24 5.83 -28.77 10.01
CA ARG A 24 4.77 -27.77 10.01
C ARG A 24 3.47 -28.40 9.59
N GLY A 25 2.37 -27.70 9.89
CA GLY A 25 1.06 -28.13 9.45
C GLY A 25 0.90 -27.99 7.94
N ARG A 26 0.02 -28.79 7.38
CA ARG A 26 -0.28 -28.72 5.95
C ARG A 26 -1.29 -27.64 5.66
N ILE A 27 -1.37 -27.29 4.39
CA ILE A 27 -2.38 -26.37 3.90
C ILE A 27 -3.17 -27.16 2.85
N LEU A 28 -4.49 -27.15 2.94
CA LEU A 28 -5.35 -27.91 2.04
C LEU A 28 -6.50 -27.03 1.54
N ASP A 29 -7.02 -27.33 0.35
CA ASP A 29 -8.13 -26.57 -0.24
C ASP A 29 -9.45 -26.84 0.52
N ARG A 30 -10.53 -26.14 0.15
CA ARG A 30 -11.80 -26.21 0.89
C ARG A 30 -12.44 -27.59 0.85
N ASN A 31 -11.79 -28.51 0.16
CA ASN A 31 -12.27 -29.88 0.04
C ASN A 31 -11.14 -30.83 0.44
N GLY A 32 -10.26 -30.35 1.32
CA GLY A 32 -9.25 -31.21 1.90
C GLY A 32 -8.19 -31.74 0.96
N LYS A 33 -8.10 -31.19 -0.25
CA LYS A 33 -6.99 -31.55 -1.15
C LYS A 33 -5.66 -30.91 -0.70
N VAL A 34 -4.67 -31.75 -0.42
CA VAL A 34 -3.36 -31.27 0.07
C VAL A 34 -2.73 -30.23 -0.89
N LEU A 35 -2.55 -29.00 -0.43
CA LEU A 35 -1.87 -28.00 -1.25
C LEU A 35 -0.41 -27.83 -0.84
N VAL A 36 -0.14 -27.97 0.45
CA VAL A 36 1.23 -27.80 0.93
C VAL A 36 1.53 -28.85 2.00
N ASP A 37 2.46 -29.74 1.70
CA ASP A 37 2.76 -30.84 2.60
C ASP A 37 4.22 -30.75 2.94
N ASN A 38 4.75 -31.80 3.54
CA ASN A 38 6.14 -31.83 3.96
C ASN A 38 6.89 -33.03 3.40
N ALA A 39 8.22 -32.91 3.40
CA ALA A 39 9.06 -33.99 2.92
C ALA A 39 10.35 -34.01 3.71
N SER A 40 10.80 -35.21 4.07
CA SER A 40 12.12 -35.33 4.69
C SER A 40 13.15 -35.44 3.55
N LYS A 41 14.10 -34.51 3.53
CA LYS A 41 15.01 -34.42 2.39
C LYS A 41 16.46 -34.38 2.85
N MET A 42 17.29 -35.11 2.11
CA MET A 42 18.73 -34.99 2.34
C MET A 42 19.31 -33.90 1.44
N ALA A 43 19.92 -32.89 2.04
CA ALA A 43 20.58 -31.86 1.22
C ALA A 43 22.09 -32.03 1.15
N ILE A 44 22.58 -32.29 -0.06
CA ILE A 44 24.01 -32.45 -0.34
C ILE A 44 24.66 -31.21 -0.96
N THR A 45 25.59 -30.59 -0.24
CA THR A 45 26.25 -29.38 -0.72
C THR A 45 27.73 -29.59 -1.05
N TYR A 46 28.27 -28.76 -1.94
CA TYR A 46 29.71 -28.67 -2.15
C TYR A 46 30.19 -27.33 -1.65
N THR A 47 31.33 -27.33 -0.98
CA THR A 47 31.91 -26.11 -0.46
C THR A 47 33.27 -25.94 -1.07
N ARG A 48 33.30 -25.24 -2.20
CA ARG A 48 34.53 -25.11 -3.00
C ARG A 48 35.58 -24.28 -2.26
N GLY A 49 36.77 -24.87 -2.08
CA GLY A 49 37.84 -24.17 -1.41
C GLY A 49 38.34 -22.96 -2.17
N ARG A 50 39.11 -22.13 -1.47
CA ARG A 50 39.65 -20.90 -2.05
C ARG A 50 40.70 -21.18 -3.13
N LYS A 51 41.24 -22.39 -3.15
CA LYS A 51 42.19 -22.80 -4.18
C LYS A 51 41.92 -24.23 -4.61
N THR A 52 40.80 -24.44 -5.30
CA THR A 52 40.47 -25.78 -5.78
C THR A 52 40.45 -25.80 -7.29
N THR A 53 41.07 -26.82 -7.88
CA THR A 53 41.20 -26.89 -9.33
C THR A 53 39.97 -27.47 -10.01
N GLN A 54 39.85 -27.22 -11.31
CA GLN A 54 38.85 -27.83 -12.17
C GLN A 54 39.05 -29.34 -12.26
N SER A 55 40.31 -29.78 -12.17
CA SER A 55 40.60 -31.20 -12.24
C SER A 55 40.23 -31.90 -10.94
N GLU A 56 40.13 -31.12 -9.87
CA GLU A 56 39.77 -31.65 -8.56
C GLU A 56 38.27 -31.86 -8.49
N MET A 57 37.56 -30.81 -8.87
CA MET A 57 36.09 -30.83 -8.89
C MET A 57 35.47 -31.89 -9.82
N LEU A 58 36.15 -32.23 -10.91
CA LEU A 58 35.63 -33.22 -11.83
C LEU A 58 35.75 -34.58 -11.19
N ASP A 59 36.81 -34.75 -10.41
CA ASP A 59 37.06 -35.99 -9.69
C ASP A 59 36.05 -36.19 -8.55
N THR A 60 35.71 -35.11 -7.85
CA THR A 60 34.67 -35.18 -6.84
C THR A 60 33.32 -35.52 -7.48
N ALA A 61 32.94 -34.78 -8.52
CA ALA A 61 31.72 -35.06 -9.26
C ALA A 61 31.65 -36.51 -9.75
N GLU A 62 32.78 -37.05 -10.21
CA GLU A 62 32.82 -38.42 -10.67
C GLU A 62 32.41 -39.37 -9.55
N LYS A 63 33.11 -39.29 -8.43
CA LYS A 63 32.82 -40.17 -7.30
C LYS A 63 31.41 -39.88 -6.78
N LEU A 64 31.04 -38.60 -6.77
CA LEU A 64 29.69 -38.17 -6.43
C LEU A 64 28.61 -38.82 -7.28
N SER A 65 28.85 -38.97 -8.59
CA SER A 65 27.83 -39.53 -9.47
C SER A 65 27.60 -41.02 -9.19
N LYS A 66 28.63 -41.68 -8.66
CA LYS A 66 28.51 -43.09 -8.28
C LYS A 66 27.41 -43.24 -7.23
N LEU A 67 27.39 -42.30 -6.28
CA LEU A 67 26.47 -42.33 -5.16
C LEU A 67 25.02 -41.97 -5.50
N ILE A 68 24.81 -40.82 -6.11
CA ILE A 68 23.46 -40.32 -6.31
C ILE A 68 23.06 -40.21 -7.78
N LYS A 69 21.75 -40.09 -8.03
CA LYS A 69 21.23 -39.79 -9.36
C LYS A 69 21.00 -38.29 -9.44
N MET A 70 20.96 -37.75 -10.66
CA MET A 70 20.69 -36.33 -10.87
C MET A 70 19.59 -36.19 -11.90
N ASP A 71 19.21 -34.94 -12.17
CA ASP A 71 18.40 -34.63 -13.34
C ASP A 71 19.16 -33.68 -14.24
N THR A 72 19.28 -34.08 -15.50
CA THR A 72 20.12 -33.39 -16.45
C THR A 72 19.54 -32.06 -16.93
N LYS A 73 18.32 -31.74 -16.49
CA LYS A 73 17.56 -30.68 -17.14
C LYS A 73 18.13 -29.26 -17.03
N LYS A 74 19.06 -29.02 -16.13
CA LYS A 74 19.63 -27.68 -16.03
C LYS A 74 20.83 -27.44 -16.95
N ILE A 75 21.49 -28.53 -17.38
CA ILE A 75 22.66 -28.46 -18.28
C ILE A 75 22.44 -27.55 -19.48
N THR A 76 23.31 -26.55 -19.66
CA THR A 76 23.23 -25.61 -20.76
C THR A 76 24.00 -26.12 -21.98
N GLU A 77 23.73 -25.57 -23.15
CA GLU A 77 24.48 -25.94 -24.35
C GLU A 77 25.96 -25.62 -24.14
N ARG A 78 26.23 -24.64 -23.28
CA ARG A 78 27.59 -24.21 -22.98
C ARG A 78 28.26 -25.14 -21.97
N ASP A 79 27.47 -25.70 -21.07
CA ASP A 79 27.99 -26.66 -20.11
C ASP A 79 28.58 -27.84 -20.87
N LYS A 80 27.87 -28.21 -21.92
CA LYS A 80 28.21 -29.38 -22.73
C LYS A 80 29.45 -29.09 -23.58
N LYS A 81 29.47 -27.93 -24.23
CA LYS A 81 30.63 -27.53 -25.03
C LYS A 81 31.87 -27.38 -24.17
N ASP A 82 31.68 -26.93 -22.93
CA ASP A 82 32.82 -26.74 -22.04
C ASP A 82 33.31 -28.07 -21.50
N PHE A 83 32.36 -28.90 -21.08
CA PHE A 83 32.68 -30.22 -20.59
C PHE A 83 33.37 -31.09 -21.66
N TRP A 84 32.97 -30.93 -22.92
CA TRP A 84 33.55 -31.72 -23.99
C TRP A 84 35.04 -31.40 -24.12
N ILE A 85 35.36 -30.12 -24.02
CA ILE A 85 36.75 -29.67 -24.17
C ILE A 85 37.56 -30.11 -22.95
N GLN A 86 36.89 -30.16 -21.81
CA GLN A 86 37.47 -30.66 -20.57
C GLN A 86 37.80 -32.16 -20.71
N LEU A 87 36.90 -32.90 -21.32
CA LEU A 87 37.01 -34.34 -21.45
C LEU A 87 37.93 -34.74 -22.58
N HIS A 88 37.83 -34.06 -23.71
CA HIS A 88 38.63 -34.43 -24.89
C HIS A 88 39.53 -33.29 -25.36
N PRO A 89 40.61 -33.03 -24.61
CA PRO A 89 41.49 -31.89 -24.89
C PRO A 89 42.40 -32.15 -26.08
N LYS A 90 42.42 -33.39 -26.57
CA LYS A 90 43.21 -33.69 -27.75
C LYS A 90 42.40 -33.47 -29.03
N LYS A 91 41.16 -33.94 -29.06
CA LYS A 91 40.32 -33.75 -30.25
C LYS A 91 39.96 -32.30 -30.38
N ALA A 92 39.81 -31.63 -29.23
CA ALA A 92 39.57 -30.20 -29.19
C ALA A 92 40.77 -29.46 -29.77
N LYS A 93 41.97 -29.84 -29.34
CA LYS A 93 43.21 -29.25 -29.83
C LYS A 93 43.34 -29.36 -31.35
N ALA A 94 43.01 -30.52 -31.89
CA ALA A 94 43.31 -30.81 -33.30
C ALA A 94 42.40 -30.03 -34.26
N MET A 95 41.37 -29.40 -33.71
CA MET A 95 40.48 -28.58 -34.52
C MET A 95 40.98 -27.14 -34.59
N MET A 96 42.02 -26.85 -33.82
CA MET A 96 42.49 -25.48 -33.63
C MET A 96 43.98 -25.40 -33.85
N THR A 97 44.47 -26.08 -34.88
CA THR A 97 45.88 -26.11 -35.16
C THR A 97 46.41 -24.73 -35.49
N LYS A 98 45.65 -23.97 -36.28
CA LYS A 98 46.11 -22.65 -36.74
C LYS A 98 46.17 -21.66 -35.58
N GLU A 99 45.13 -21.66 -34.76
CA GLU A 99 45.01 -20.71 -33.66
C GLU A 99 45.94 -21.03 -32.50
N GLN A 100 46.34 -22.30 -32.38
CA GLN A 100 47.30 -22.68 -31.36
C GLN A 100 48.62 -21.97 -31.59
N ALA A 101 49.05 -21.93 -32.85
CA ALA A 101 50.28 -21.22 -33.20
C ALA A 101 50.08 -19.71 -33.09
N MET A 102 48.85 -19.27 -33.36
CA MET A 102 48.49 -17.86 -33.22
C MET A 102 48.37 -17.45 -31.76
N LEU A 103 48.10 -18.44 -30.90
CA LEU A 103 48.04 -18.21 -29.46
C LEU A 103 49.44 -17.88 -28.92
N ALA A 104 50.44 -18.59 -29.42
CA ALA A 104 51.83 -18.45 -28.95
C ALA A 104 52.70 -17.70 -29.96
N ASP A 105 52.04 -17.01 -30.89
CA ASP A 105 52.69 -16.19 -31.89
C ASP A 105 52.95 -14.86 -31.21
N GLY A 106 51.90 -14.36 -30.58
CA GLY A 106 51.82 -12.99 -30.10
C GLY A 106 50.49 -12.47 -30.59
N SER A 107 50.06 -13.08 -31.70
CA SER A 107 48.84 -12.74 -32.43
C SER A 107 47.59 -12.64 -31.56
N ILE A 108 46.83 -13.73 -31.46
CA ILE A 108 45.57 -13.71 -30.70
C ILE A 108 45.77 -14.00 -29.21
N LYS A 109 44.70 -13.84 -28.43
CA LYS A 109 44.77 -14.18 -27.01
C LYS A 109 43.68 -15.15 -26.57
N GLN A 110 43.85 -15.74 -25.40
CA GLN A 110 42.98 -16.82 -24.93
C GLN A 110 41.48 -16.61 -25.14
N ASP A 111 40.98 -15.41 -24.93
CA ASP A 111 39.56 -15.14 -25.13
C ASP A 111 39.11 -15.37 -26.56
N GLN A 112 39.95 -14.98 -27.51
CA GLN A 112 39.64 -15.17 -28.90
C GLN A 112 39.75 -16.66 -29.24
N TYR A 113 40.64 -17.35 -28.53
CA TYR A 113 40.84 -18.78 -28.75
C TYR A 113 39.55 -19.51 -28.40
N ASP A 114 39.23 -19.46 -27.11
CA ASP A 114 38.03 -20.09 -26.53
C ASP A 114 36.74 -19.86 -27.33
N LYS A 115 36.56 -18.66 -27.89
CA LYS A 115 35.33 -18.36 -28.63
C LYS A 115 35.32 -19.08 -29.96
N GLN A 116 36.50 -19.22 -30.56
CA GLN A 116 36.65 -19.88 -31.85
C GLN A 116 36.46 -21.40 -31.68
N LEU A 117 36.94 -21.92 -30.56
CA LEU A 117 36.79 -23.35 -30.23
C LEU A 117 35.35 -23.75 -29.94
N LEU A 118 34.60 -22.87 -29.28
CA LEU A 118 33.20 -23.11 -28.97
C LEU A 118 32.34 -23.18 -30.23
N SER A 119 32.74 -22.43 -31.25
CA SER A 119 32.00 -22.38 -32.50
C SER A 119 32.22 -23.58 -33.40
N LYS A 120 33.21 -24.41 -33.08
CA LYS A 120 33.51 -25.54 -33.95
C LYS A 120 32.95 -26.87 -33.44
N ILE A 121 32.07 -26.82 -32.45
CA ILE A 121 31.51 -28.03 -31.85
C ILE A 121 30.05 -28.26 -32.25
N ARG A 122 29.74 -29.46 -32.74
CA ARG A 122 28.43 -29.74 -33.36
C ARG A 122 27.91 -31.15 -33.11
N LYS A 123 28.31 -32.05 -34.00
CA LYS A 123 27.88 -33.45 -34.01
C LYS A 123 28.53 -34.31 -32.90
N SER A 124 29.34 -33.68 -32.06
CA SER A 124 30.08 -34.40 -31.05
C SER A 124 29.67 -34.04 -29.64
N GLN A 125 28.65 -33.21 -29.48
CA GLN A 125 28.05 -33.03 -28.17
C GLN A 125 27.51 -34.35 -27.73
N LEU A 126 27.00 -35.09 -28.71
CA LEU A 126 26.33 -36.34 -28.48
C LEU A 126 27.25 -37.42 -27.93
N ASP A 127 28.56 -37.26 -28.10
CA ASP A 127 29.53 -38.26 -27.62
C ASP A 127 29.45 -38.45 -26.11
N GLU A 128 28.99 -37.42 -25.41
CA GLU A 128 28.90 -37.47 -23.95
C GLU A 128 27.48 -37.67 -23.53
N LEU A 129 26.56 -37.66 -24.50
CA LEU A 129 25.21 -38.15 -24.26
C LEU A 129 25.27 -39.58 -23.67
N SER A 130 26.47 -40.20 -23.69
CA SER A 130 26.84 -41.19 -22.69
C SER A 130 26.35 -40.64 -21.36
N SER A 131 25.07 -40.92 -21.07
CA SER A 131 24.34 -40.27 -20.00
C SER A 131 25.07 -40.31 -18.65
N LYS A 132 26.07 -41.19 -18.56
CA LYS A 132 26.98 -41.22 -17.41
C LYS A 132 27.75 -39.90 -17.31
N ASP A 133 28.21 -39.42 -18.46
CA ASP A 133 28.84 -38.10 -18.58
C ASP A 133 27.92 -36.95 -18.12
N LEU A 134 26.72 -36.85 -18.68
CA LEU A 134 25.76 -35.82 -18.28
C LEU A 134 25.49 -35.86 -16.76
N GLN A 135 25.47 -37.05 -16.16
CA GLN A 135 25.31 -37.16 -14.72
C GLN A 135 26.43 -36.45 -13.94
N VAL A 136 27.67 -36.69 -14.33
CA VAL A 136 28.82 -35.99 -13.76
C VAL A 136 28.73 -34.48 -13.99
N LEU A 137 28.53 -34.09 -15.25
CA LEU A 137 28.38 -32.68 -15.66
C LEU A 137 27.27 -31.95 -14.88
N ALA A 138 26.19 -32.66 -14.58
CA ALA A 138 25.08 -32.09 -13.84
C ALA A 138 25.51 -31.66 -12.43
N ILE A 139 26.34 -32.48 -11.80
CA ILE A 139 26.87 -32.19 -10.46
C ILE A 139 27.95 -31.13 -10.55
N PHE A 140 28.82 -31.29 -11.54
CA PHE A 140 29.98 -30.41 -11.73
C PHE A 140 29.59 -28.94 -11.88
N ARG A 141 28.57 -28.68 -12.69
CA ARG A 141 28.15 -27.30 -12.93
C ARG A 141 27.68 -26.62 -11.66
N GLU A 142 27.03 -27.35 -10.77
CA GLU A 142 26.62 -26.72 -9.51
C GLU A 142 27.82 -26.45 -8.58
N MET A 143 28.77 -27.37 -8.57
CA MET A 143 30.02 -27.13 -7.85
C MET A 143 30.72 -25.82 -8.29
N ASN A 144 30.71 -25.51 -9.59
CA ASN A 144 31.20 -24.23 -10.10
C ASN A 144 30.22 -23.05 -9.96
N ALA A 145 29.06 -23.28 -9.36
CA ALA A 145 27.94 -22.33 -9.48
C ALA A 145 28.03 -21.11 -8.57
N GLY A 146 28.80 -21.21 -7.50
CA GLY A 146 28.78 -20.17 -6.50
C GLY A 146 30.12 -19.76 -5.96
N THR A 147 30.13 -19.41 -4.69
CA THR A 147 31.25 -18.68 -4.11
C THR A 147 32.18 -19.56 -3.27
N VAL A 148 33.38 -19.02 -3.01
CA VAL A 148 34.55 -19.79 -2.59
C VAL A 148 34.60 -20.21 -1.11
N LEU A 149 33.48 -20.14 -0.40
CA LEU A 149 33.39 -20.73 0.94
C LEU A 149 31.95 -21.06 1.26
N ASP A 150 31.05 -20.61 0.40
CA ASP A 150 29.63 -20.92 0.50
C ASP A 150 29.38 -22.31 -0.03
N PRO A 151 28.67 -23.13 0.76
CA PRO A 151 28.23 -24.43 0.24
C PRO A 151 27.20 -24.31 -0.90
N GLN A 152 27.57 -24.76 -2.10
CA GLN A 152 26.59 -24.84 -3.19
C GLN A 152 25.75 -26.11 -3.07
N MET A 153 24.44 -25.95 -3.15
CA MET A 153 23.55 -27.11 -3.13
C MET A 153 23.68 -27.90 -4.41
N ILE A 154 23.82 -29.21 -4.31
CA ILE A 154 23.96 -30.04 -5.50
C ILE A 154 22.67 -30.77 -5.74
N LYS A 155 22.18 -31.41 -4.68
CA LYS A 155 20.92 -32.14 -4.72
C LYS A 155 20.27 -32.02 -3.37
N ASN A 156 18.97 -31.72 -3.38
CA ASN A 156 18.14 -31.82 -2.19
C ASN A 156 16.90 -32.66 -2.47
N GLU A 157 16.98 -33.98 -2.26
CA GLU A 157 15.84 -34.85 -2.54
C GLU A 157 15.33 -35.72 -1.38
N ASP A 158 14.15 -36.31 -1.59
CA ASP A 158 13.47 -37.13 -0.60
C ASP A 158 14.38 -38.24 -0.15
N VAL A 159 14.81 -38.19 1.10
CA VAL A 159 15.63 -39.26 1.65
C VAL A 159 14.81 -40.01 2.68
N SER A 160 15.10 -41.29 2.86
CA SER A 160 14.47 -42.04 3.94
C SER A 160 15.40 -42.12 5.14
N GLU A 161 14.85 -42.47 6.28
CA GLU A 161 15.61 -42.51 7.53
C GLU A 161 16.81 -43.45 7.39
N LYS A 162 16.58 -44.60 6.75
CA LYS A 162 17.61 -45.63 6.58
C LYS A 162 18.60 -45.32 5.45
N GLU A 163 18.11 -44.70 4.37
CA GLU A 163 19.00 -44.18 3.34
C GLU A 163 20.06 -43.23 3.88
N TYR A 164 19.63 -42.28 4.69
CA TYR A 164 20.56 -41.28 5.22
C TYR A 164 21.64 -42.00 5.99
N ALA A 165 21.23 -43.03 6.72
CA ALA A 165 22.16 -43.82 7.53
C ALA A 165 23.19 -44.59 6.67
N ALA A 166 22.81 -44.96 5.45
CA ALA A 166 23.75 -45.63 4.58
C ALA A 166 24.76 -44.65 3.96
N VAL A 167 24.26 -43.59 3.34
CA VAL A 167 25.09 -42.76 2.47
C VAL A 167 25.74 -41.50 3.08
N SER A 168 25.25 -40.98 4.21
CA SER A 168 25.70 -39.66 4.65
C SER A 168 27.20 -39.64 4.97
N GLN A 169 27.65 -40.66 5.70
CA GLN A 169 29.09 -40.81 5.97
C GLN A 169 29.96 -40.86 4.69
N GLN A 170 29.60 -41.71 3.74
CA GLN A 170 30.45 -41.83 2.54
C GLN A 170 30.40 -40.60 1.67
N LEU A 171 29.24 -39.95 1.61
CA LEU A 171 29.17 -38.65 0.97
C LEU A 171 30.16 -37.71 1.64
N SER A 172 30.00 -37.53 2.95
CA SER A 172 30.81 -36.56 3.71
C SER A 172 32.31 -36.82 3.65
N LYS A 173 32.69 -38.03 3.23
CA LYS A 173 34.09 -38.39 3.10
C LYS A 173 34.74 -37.59 1.98
N LEU A 174 33.97 -37.32 0.93
CA LEU A 174 34.43 -36.52 -0.20
C LEU A 174 34.72 -35.09 0.23
N PRO A 175 35.85 -34.54 -0.24
CA PRO A 175 36.22 -33.16 0.08
C PRO A 175 35.25 -32.17 -0.53
N GLY A 176 34.74 -31.26 0.28
CA GLY A 176 33.79 -30.27 -0.16
C GLY A 176 32.41 -30.63 0.35
N VAL A 177 32.17 -31.92 0.48
CA VAL A 177 30.81 -32.42 0.60
C VAL A 177 30.29 -32.48 2.03
N ASN A 178 29.06 -32.00 2.21
CA ASN A 178 28.34 -32.22 3.43
C ASN A 178 26.90 -32.60 3.15
N THR A 179 26.28 -33.19 4.16
CA THR A 179 24.94 -33.69 4.04
C THR A 179 24.20 -33.21 5.26
N SER A 180 22.90 -32.98 5.11
CA SER A 180 22.05 -32.73 6.24
C SER A 180 20.64 -33.16 5.89
N MET A 181 19.81 -33.22 6.92
CA MET A 181 18.42 -33.57 6.73
C MET A 181 17.69 -32.28 6.75
N ASP A 182 16.61 -32.16 6.01
CA ASP A 182 15.85 -30.92 6.15
C ASP A 182 14.37 -31.16 5.91
N TRP A 183 13.56 -30.41 6.64
CA TRP A 183 12.16 -30.28 6.29
C TRP A 183 12.02 -29.37 5.06
N ASP A 184 11.25 -29.80 4.08
CA ASP A 184 11.04 -28.97 2.91
C ASP A 184 9.59 -29.08 2.48
N ARG A 185 8.98 -27.96 2.14
CA ARG A 185 7.62 -27.95 1.60
C ARG A 185 7.61 -28.56 0.21
N LYS A 186 6.66 -29.45 -0.04
CA LYS A 186 6.41 -29.97 -1.40
C LYS A 186 5.03 -29.51 -1.90
N TYR A 187 4.85 -29.40 -3.21
CA TYR A 187 3.60 -28.82 -3.73
C TYR A 187 2.93 -29.65 -4.83
N PRO A 188 1.92 -30.42 -4.45
CA PRO A 188 1.34 -31.39 -5.39
C PRO A 188 0.69 -30.72 -6.60
N TYR A 189 0.16 -29.52 -6.43
CA TYR A 189 -0.38 -28.81 -7.57
C TYR A 189 0.69 -27.88 -8.19
N GLY A 190 1.94 -28.18 -7.87
CA GLY A 190 3.09 -27.63 -8.58
C GLY A 190 3.26 -26.12 -8.45
N ASP A 191 2.83 -25.38 -9.46
CA ASP A 191 3.00 -23.95 -9.42
C ASP A 191 1.74 -23.17 -9.00
N THR A 192 0.60 -23.86 -9.00
CA THR A 192 -0.72 -23.20 -9.01
C THR A 192 -1.01 -22.03 -8.06
N LEU A 193 -0.65 -22.12 -6.79
CA LEU A 193 -0.87 -20.91 -5.97
C LEU A 193 0.32 -20.49 -5.15
N ARG A 194 1.52 -20.79 -5.65
CA ARG A 194 2.76 -20.66 -4.87
C ARG A 194 2.94 -19.28 -4.29
N GLY A 195 2.55 -18.29 -5.08
CA GLY A 195 2.65 -16.90 -4.66
C GLY A 195 1.93 -16.73 -3.34
N ILE A 196 0.75 -17.33 -3.26
CA ILE A 196 -0.13 -17.10 -2.12
C ILE A 196 0.28 -17.93 -0.89
N PHE A 197 0.80 -19.14 -1.12
CA PHE A 197 1.28 -19.99 -0.03
C PHE A 197 2.48 -19.41 0.72
N GLY A 198 3.35 -18.70 0.01
CA GLY A 198 4.51 -18.10 0.63
C GLY A 198 5.58 -19.14 0.92
N ASP A 199 6.69 -18.71 1.51
CA ASP A 199 7.81 -19.60 1.79
C ASP A 199 8.10 -19.67 3.28
N VAL A 200 8.68 -20.81 3.71
CA VAL A 200 9.33 -20.88 5.02
C VAL A 200 10.82 -20.58 4.81
N SER A 201 11.43 -19.89 5.77
CA SER A 201 12.84 -19.56 5.67
C SER A 201 13.70 -20.82 5.61
N THR A 202 14.78 -20.71 4.83
CA THR A 202 15.69 -21.82 4.56
C THR A 202 16.43 -22.14 5.83
N PRO A 203 16.92 -23.39 5.97
CA PRO A 203 17.72 -23.71 7.16
C PRO A 203 18.89 -22.71 7.32
N ALA A 204 19.54 -22.40 6.22
CA ALA A 204 20.63 -21.43 6.21
C ALA A 204 20.27 -20.07 6.84
N GLU A 205 19.21 -19.43 6.35
CA GLU A 205 18.76 -18.22 7.02
C GLU A 205 18.04 -18.66 8.29
N GLY A 206 18.16 -17.92 9.36
CA GLY A 206 17.43 -18.37 10.54
C GLY A 206 16.03 -17.83 10.42
N ILE A 207 15.66 -17.01 11.41
CA ILE A 207 14.74 -15.89 11.18
C ILE A 207 15.41 -15.08 10.06
N PRO A 208 14.66 -14.77 8.97
CA PRO A 208 15.18 -13.84 7.95
C PRO A 208 15.63 -12.55 8.59
N LYS A 209 16.68 -11.95 8.04
CA LYS A 209 17.34 -10.85 8.74
C LYS A 209 16.39 -9.69 9.04
N GLU A 210 15.62 -9.23 8.06
CA GLU A 210 14.77 -8.07 8.34
C GLU A 210 13.51 -8.40 9.15
N LEU A 211 13.36 -9.64 9.61
CA LEU A 211 12.20 -10.08 10.40
C LEU A 211 12.65 -10.42 11.82
N THR A 212 13.93 -10.18 12.09
CA THR A 212 14.55 -10.49 13.37
C THR A 212 13.71 -10.12 14.57
N GLU A 213 13.42 -8.84 14.69
CA GLU A 213 12.79 -8.35 15.91
C GLU A 213 11.40 -8.93 15.96
N HIS A 214 10.72 -8.97 14.81
CA HIS A 214 9.38 -9.50 14.73
C HIS A 214 9.27 -10.88 15.39
N TYR A 215 10.29 -11.70 15.19
CA TYR A 215 10.27 -13.07 15.62
C TYR A 215 10.99 -13.34 16.99
N LEU A 216 12.09 -12.63 17.25
CA LEU A 216 12.78 -12.75 18.54
C LEU A 216 11.88 -12.26 19.64
N SER A 217 11.10 -11.24 19.35
CA SER A 217 10.21 -10.68 20.38
C SER A 217 9.04 -11.64 20.74
N LYS A 218 8.87 -12.69 19.95
CA LYS A 218 7.79 -13.66 20.20
C LYS A 218 8.34 -14.97 20.72
N GLY A 219 9.61 -14.96 21.14
CA GLY A 219 10.19 -16.13 21.76
C GLY A 219 11.11 -16.95 20.88
N TYR A 220 11.05 -16.74 19.57
CA TYR A 220 11.89 -17.53 18.69
C TYR A 220 13.37 -17.38 18.93
N SER A 221 14.11 -18.37 18.45
CA SER A 221 15.56 -18.32 18.43
C SER A 221 15.96 -17.89 17.02
N ARG A 222 17.10 -17.21 16.92
CA ARG A 222 17.50 -16.67 15.63
C ARG A 222 17.69 -17.80 14.64
N ASN A 223 17.82 -19.02 15.17
CA ASN A 223 18.02 -20.18 14.29
C ASN A 223 16.78 -20.88 13.77
N ASP A 224 15.60 -20.46 14.25
CA ASP A 224 14.36 -21.13 13.84
C ASP A 224 13.99 -20.86 12.38
N ARG A 225 13.41 -21.86 11.73
CA ARG A 225 12.80 -21.65 10.43
C ARG A 225 11.35 -21.19 10.62
N VAL A 226 10.98 -20.13 9.92
CA VAL A 226 9.65 -19.56 10.09
C VAL A 226 9.07 -19.18 8.72
N GLY A 227 7.74 -19.09 8.64
CA GLY A 227 7.06 -18.55 7.47
C GLY A 227 7.51 -17.09 7.26
N LYS A 228 7.71 -16.69 6.00
CA LYS A 228 8.20 -15.33 5.75
C LYS A 228 7.47 -14.49 4.65
N SER A 229 6.50 -15.05 3.91
CA SER A 229 6.00 -14.33 2.71
C SER A 229 4.54 -13.88 2.78
N TYR A 230 3.65 -14.86 2.91
CA TYR A 230 2.21 -14.70 2.83
C TYR A 230 1.58 -15.73 3.77
N LEU A 231 0.83 -16.68 3.24
CA LEU A 231 0.17 -17.69 4.11
C LEU A 231 1.11 -18.37 5.14
N GLU A 232 2.34 -18.70 4.74
CA GLU A 232 3.29 -19.33 5.69
C GLU A 232 3.55 -18.37 6.84
N TYR A 233 3.55 -17.07 6.53
CA TYR A 233 3.83 -16.02 7.51
C TYR A 233 2.57 -15.60 8.26
N GLN A 234 1.48 -15.43 7.52
CA GLN A 234 0.24 -15.00 8.15
C GLN A 234 -0.19 -16.05 9.20
N TYR A 235 -0.12 -17.32 8.82
CA TYR A 235 -0.55 -18.36 9.73
C TYR A 235 0.61 -19.10 10.38
N GLU A 236 1.79 -18.45 10.45
CA GLU A 236 2.95 -19.01 11.23
C GLU A 236 2.51 -19.54 12.62
N ASP A 237 1.68 -18.73 13.27
CA ASP A 237 0.89 -19.06 14.46
C ASP A 237 0.63 -20.53 14.62
N VAL A 238 -0.10 -21.04 13.64
CA VAL A 238 -0.79 -22.30 13.77
C VAL A 238 -0.04 -23.34 12.99
N LEU A 239 0.71 -22.91 11.99
CA LEU A 239 1.31 -23.89 11.09
C LEU A 239 2.59 -24.41 11.71
N ARG A 240 3.24 -23.58 12.53
CA ARG A 240 4.57 -23.90 13.05
C ARG A 240 4.58 -25.19 13.90
N GLY A 241 5.63 -25.99 13.79
CA GLY A 241 5.75 -27.13 14.66
C GLY A 241 6.56 -26.77 15.90
N LYS A 242 5.94 -26.93 17.06
CA LYS A 242 6.65 -26.79 18.33
C LYS A 242 7.76 -27.83 18.38
N LYS A 243 8.98 -27.34 18.35
CA LYS A 243 10.15 -28.19 18.23
C LYS A 243 10.36 -29.03 19.48
N LYS A 244 11.16 -30.08 19.38
CA LYS A 244 11.43 -30.91 20.53
C LYS A 244 12.72 -30.44 21.22
N GLU A 245 12.62 -30.13 22.51
CA GLU A 245 13.78 -29.69 23.30
C GLU A 245 14.17 -30.71 24.39
N MET A 246 15.44 -31.10 24.42
CA MET A 246 15.96 -32.03 25.41
C MET A 246 17.13 -31.42 26.17
N LYS A 247 17.17 -31.60 27.48
CA LYS A 247 18.31 -31.17 28.28
C LYS A 247 19.06 -32.40 28.85
N TYR A 248 20.28 -32.63 28.38
CA TYR A 248 21.14 -33.69 28.90
C TYR A 248 22.18 -33.17 29.91
N THR A 249 22.56 -34.01 30.87
CA THR A 249 23.61 -33.66 31.82
C THR A 249 24.71 -34.71 31.70
N THR A 250 25.95 -34.28 31.45
CA THR A 250 27.03 -35.24 31.29
C THR A 250 27.97 -35.23 32.49
N ASP A 251 28.77 -36.28 32.62
CA ASP A 251 29.93 -36.22 33.48
C ASP A 251 31.06 -35.66 32.62
N LYS A 252 32.17 -35.34 33.28
CA LYS A 252 33.37 -34.81 32.63
C LYS A 252 33.73 -35.54 31.33
N SER A 253 33.66 -36.87 31.32
CA SER A 253 34.00 -37.66 30.14
C SER A 253 32.85 -37.80 29.13
N GLY A 254 31.80 -37.00 29.31
CA GLY A 254 30.74 -36.92 28.32
C GLY A 254 29.54 -37.85 28.51
N LYS A 255 29.64 -38.77 29.45
CA LYS A 255 28.59 -39.74 29.69
C LYS A 255 27.34 -39.02 30.14
N VAL A 256 26.21 -39.29 29.50
CA VAL A 256 24.97 -38.67 29.96
C VAL A 256 24.58 -39.31 31.28
N THR A 257 24.24 -38.49 32.27
CA THR A 257 23.87 -39.07 33.57
C THR A 257 22.37 -38.90 33.82
N SER A 258 21.82 -37.81 33.30
CA SER A 258 20.45 -37.42 33.53
C SER A 258 19.92 -36.87 32.22
N SER A 259 18.61 -36.78 32.06
CA SER A 259 18.07 -36.08 30.92
C SER A 259 16.64 -35.69 31.23
N GLU A 260 16.17 -34.65 30.57
CA GLU A 260 14.80 -34.24 30.77
C GLU A 260 14.20 -33.64 29.50
N VAL A 261 12.91 -33.82 29.35
CA VAL A 261 12.19 -33.26 28.22
C VAL A 261 11.72 -31.84 28.58
N LEU A 262 12.46 -30.85 28.12
CA LEU A 262 12.04 -29.45 28.27
C LEU A 262 10.74 -29.28 27.51
N ASN A 263 10.61 -29.99 26.38
CA ASN A 263 9.41 -29.95 25.55
C ASN A 263 9.48 -31.08 24.50
N PRO A 264 8.42 -31.91 24.40
CA PRO A 264 8.41 -32.91 23.33
C PRO A 264 7.89 -32.20 22.09
N GLY A 265 7.87 -32.88 20.96
CA GLY A 265 7.49 -32.20 19.74
C GLY A 265 5.97 -32.07 19.54
N ALA A 266 5.57 -31.14 18.68
CA ALA A 266 4.19 -31.07 18.21
C ALA A 266 4.16 -30.58 16.79
N ARG A 267 3.80 -31.50 15.89
CA ARG A 267 3.42 -31.19 14.53
C ARG A 267 2.57 -29.92 14.47
N GLY A 268 2.86 -29.05 13.52
CA GLY A 268 2.05 -27.86 13.31
C GLY A 268 0.59 -28.20 13.08
N GLN A 269 -0.27 -27.20 13.02
CA GLN A 269 -1.69 -27.48 12.73
C GLN A 269 -2.01 -27.33 11.24
N ASP A 270 -2.85 -28.22 10.73
CA ASP A 270 -3.32 -28.14 9.35
C ASP A 270 -4.29 -26.95 9.16
N LEU A 271 -4.11 -26.21 8.06
CA LEU A 271 -5.02 -25.12 7.71
C LEU A 271 -5.78 -25.42 6.41
N LYS A 272 -7.11 -25.43 6.50
CA LYS A 272 -7.95 -25.54 5.30
C LYS A 272 -8.27 -24.15 4.74
N LEU A 273 -8.17 -23.99 3.42
CA LEU A 273 -8.48 -22.70 2.80
C LEU A 273 -9.87 -22.72 2.20
N THR A 274 -10.40 -21.52 1.95
CA THR A 274 -11.68 -21.30 1.32
C THR A 274 -11.68 -21.73 -0.15
N ILE A 275 -10.48 -21.85 -0.70
CA ILE A 275 -10.27 -22.03 -2.13
C ILE A 275 -10.63 -23.43 -2.66
N ASP A 276 -11.31 -23.46 -3.80
CA ASP A 276 -11.53 -24.72 -4.52
C ASP A 276 -10.49 -24.85 -5.62
N ILE A 277 -9.47 -25.67 -5.37
CA ILE A 277 -8.32 -25.67 -6.25
C ILE A 277 -8.61 -26.13 -7.68
N ASP A 278 -9.69 -26.87 -7.87
CA ASP A 278 -10.15 -27.12 -9.22
C ASP A 278 -10.58 -25.81 -9.90
N LEU A 279 -11.41 -25.02 -9.21
CA LEU A 279 -11.86 -23.72 -9.73
C LEU A 279 -10.68 -22.77 -9.93
N GLN A 280 -9.70 -22.85 -9.06
CA GLN A 280 -8.53 -22.02 -9.18
C GLN A 280 -7.82 -22.33 -10.51
N LYS A 281 -7.51 -23.61 -10.72
CA LYS A 281 -6.83 -24.06 -11.94
C LYS A 281 -7.57 -23.62 -13.22
N GLU A 282 -8.90 -23.68 -13.20
CA GLU A 282 -9.71 -23.23 -14.32
C GLU A 282 -9.69 -21.73 -14.52
N VAL A 283 -9.71 -21.00 -13.42
CA VAL A 283 -9.73 -19.55 -13.50
C VAL A 283 -8.43 -19.11 -14.17
N GLU A 284 -7.32 -19.72 -13.77
CA GLU A 284 -6.01 -19.37 -14.34
C GLU A 284 -5.92 -19.81 -15.82
N ALA A 285 -6.56 -20.92 -16.15
CA ALA A 285 -6.68 -21.34 -17.54
C ALA A 285 -7.51 -20.35 -18.34
N LEU A 286 -8.69 -20.01 -17.82
CA LEU A 286 -9.59 -19.12 -18.51
C LEU A 286 -8.94 -17.76 -18.61
N LEU A 287 -8.21 -17.37 -17.58
CA LEU A 287 -7.56 -16.07 -17.58
C LEU A 287 -6.54 -16.04 -18.69
N ASP A 288 -5.77 -17.12 -18.81
CA ASP A 288 -4.72 -17.16 -19.83
C ASP A 288 -5.30 -17.20 -21.27
N LYS A 289 -6.32 -18.02 -21.48
CA LYS A 289 -7.06 -18.03 -22.73
C LYS A 289 -7.56 -16.65 -23.08
N GLN A 290 -8.40 -16.11 -22.21
CA GLN A 290 -9.03 -14.81 -22.40
C GLN A 290 -7.99 -13.70 -22.54
N ILE A 291 -6.81 -13.88 -21.94
CA ILE A 291 -5.76 -12.89 -22.13
C ILE A 291 -5.37 -12.82 -23.57
N LYS A 292 -5.17 -13.98 -24.19
CA LYS A 292 -4.84 -13.96 -25.59
C LYS A 292 -5.98 -14.40 -26.53
N LYS A 293 -7.22 -14.39 -25.99
CA LYS A 293 -8.44 -14.27 -26.81
C LYS A 293 -8.26 -12.97 -27.58
N LEU A 294 -7.65 -11.99 -26.92
CA LEU A 294 -6.97 -10.94 -27.63
C LEU A 294 -5.81 -11.56 -28.43
N ARG A 295 -6.00 -11.78 -29.73
CA ARG A 295 -4.91 -12.27 -30.57
C ARG A 295 -4.08 -11.07 -30.94
N SER A 296 -3.48 -10.46 -29.92
CA SER A 296 -2.78 -9.19 -30.06
C SER A 296 -3.67 -8.25 -30.86
N GLN A 297 -4.93 -8.14 -30.46
CA GLN A 297 -5.84 -7.21 -31.11
C GLN A 297 -5.45 -5.78 -30.71
N GLY A 298 -4.14 -5.52 -30.61
CA GLY A 298 -3.60 -4.27 -30.13
C GLY A 298 -2.75 -4.38 -28.87
N ALA A 299 -3.28 -5.10 -27.88
CA ALA A 299 -2.78 -5.08 -26.49
C ALA A 299 -1.55 -5.92 -26.28
N LYS A 300 -0.40 -5.42 -26.72
CA LYS A 300 0.89 -6.10 -26.55
C LYS A 300 1.71 -5.35 -25.51
N ASP A 301 1.20 -4.19 -25.13
CA ASP A 301 1.71 -3.47 -23.97
C ASP A 301 0.66 -3.42 -22.88
N MET A 302 -0.33 -4.30 -22.99
CA MET A 302 -1.18 -4.63 -21.85
C MET A 302 -0.29 -5.49 -20.94
N ASP A 303 -0.29 -5.21 -19.63
CA ASP A 303 0.79 -5.67 -18.76
C ASP A 303 0.35 -6.34 -17.43
N ASN A 304 -0.94 -6.26 -17.11
CA ASN A 304 -1.50 -6.97 -15.97
C ASN A 304 -2.91 -7.47 -16.26
N ALA A 305 -3.22 -8.68 -15.82
CA ALA A 305 -4.61 -9.16 -15.77
C ALA A 305 -4.90 -9.90 -14.48
N MET A 306 -5.88 -9.39 -13.73
CA MET A 306 -6.24 -9.93 -12.40
C MET A 306 -7.66 -10.40 -12.28
N MET A 307 -7.86 -11.51 -11.57
CA MET A 307 -9.22 -11.85 -11.18
C MET A 307 -9.32 -12.18 -9.70
N VAL A 308 -10.39 -11.71 -9.10
CA VAL A 308 -10.75 -12.24 -7.81
C VAL A 308 -12.12 -12.84 -7.97
N VAL A 309 -12.34 -14.00 -7.35
CA VAL A 309 -13.69 -14.52 -7.21
C VAL A 309 -13.94 -15.02 -5.80
N GLN A 310 -15.14 -14.73 -5.30
CA GLN A 310 -15.51 -15.11 -3.95
C GLN A 310 -17.00 -15.40 -3.78
N ASN A 311 -17.33 -15.94 -2.61
CA ASN A 311 -18.71 -16.07 -2.17
C ASN A 311 -19.16 -14.82 -1.43
N PRO A 312 -20.11 -14.09 -2.00
CA PRO A 312 -20.55 -12.79 -1.43
C PRO A 312 -21.18 -12.88 -0.04
N LYS A 313 -21.65 -14.04 0.38
CA LYS A 313 -22.37 -14.09 1.63
C LYS A 313 -21.45 -14.36 2.82
N ASN A 314 -20.24 -14.85 2.55
CA ASN A 314 -19.38 -15.23 3.65
C ASN A 314 -17.88 -14.94 3.48
N GLY A 315 -17.53 -14.11 2.51
CA GLY A 315 -16.15 -13.68 2.35
C GLY A 315 -15.15 -14.72 1.85
N ASP A 316 -15.61 -15.93 1.55
CA ASP A 316 -14.68 -17.01 1.18
C ASP A 316 -14.00 -16.71 -0.15
N ILE A 317 -12.70 -16.93 -0.22
CA ILE A 317 -11.93 -16.64 -1.43
C ILE A 317 -11.63 -17.83 -2.37
N LEU A 318 -11.80 -17.62 -3.68
CA LEU A 318 -11.21 -18.51 -4.71
C LEU A 318 -10.70 -17.72 -5.91
N ALA A 319 -9.40 -17.42 -6.00
CA ALA A 319 -9.00 -16.24 -6.79
C ALA A 319 -7.51 -15.91 -7.05
N LEU A 320 -7.05 -15.92 -8.32
CA LEU A 320 -5.66 -15.52 -8.74
C LEU A 320 -5.50 -14.56 -9.97
N ALA A 321 -4.29 -14.48 -10.53
CA ALA A 321 -3.95 -13.49 -11.57
C ALA A 321 -2.55 -13.52 -12.27
N GLY A 322 -2.44 -12.85 -13.43
CA GLY A 322 -1.22 -12.82 -14.21
C GLY A 322 -0.68 -11.44 -14.58
N LYS A 323 0.65 -11.34 -14.64
CA LYS A 323 1.31 -10.16 -15.22
C LYS A 323 1.88 -10.46 -16.62
N GLN A 324 1.08 -10.27 -17.66
CA GLN A 324 1.54 -10.55 -19.01
C GLN A 324 2.31 -9.37 -19.58
N ILE A 325 3.61 -9.36 -19.31
CA ILE A 325 4.47 -8.36 -19.89
C ILE A 325 4.72 -8.76 -21.34
N ASN A 326 3.71 -8.57 -22.18
CA ASN A 326 3.88 -8.77 -23.62
C ASN A 326 4.96 -7.81 -24.08
N LYS A 327 5.19 -7.77 -25.38
CA LYS A 327 6.54 -7.59 -25.94
C LYS A 327 7.18 -8.98 -25.73
N SER A 328 6.26 -9.93 -25.80
CA SER A 328 6.32 -11.36 -26.13
C SER A 328 4.91 -11.81 -25.87
N GLY A 329 4.56 -11.84 -24.60
CA GLY A 329 3.30 -12.38 -24.14
C GLY A 329 3.65 -13.51 -23.20
N LYS A 330 4.86 -13.41 -22.65
CA LYS A 330 5.40 -14.36 -21.68
C LYS A 330 5.18 -13.75 -20.29
N MET A 331 4.60 -14.53 -19.39
CA MET A 331 4.01 -13.97 -18.19
C MET A 331 4.37 -14.67 -16.89
N THR A 332 4.43 -13.87 -15.82
CA THR A 332 4.57 -14.37 -14.45
C THR A 332 3.20 -14.35 -13.76
N ASP A 333 3.10 -15.11 -12.67
CA ASP A 333 1.96 -14.98 -11.79
C ASP A 333 2.07 -13.71 -10.96
N TYR A 334 1.06 -12.86 -11.04
CA TYR A 334 0.98 -11.72 -10.16
C TYR A 334 -0.19 -11.99 -9.23
N ASP A 335 -0.21 -13.26 -8.79
CA ASP A 335 -1.06 -13.75 -7.72
C ASP A 335 -1.46 -12.66 -6.71
N ILE A 336 -0.48 -12.18 -5.96
CA ILE A 336 -0.79 -11.36 -4.80
C ILE A 336 -1.20 -9.92 -5.18
N GLY A 337 -1.21 -9.62 -6.46
CA GLY A 337 -1.49 -8.28 -6.93
C GLY A 337 -2.98 -8.01 -6.84
N THR A 338 -3.73 -9.07 -6.60
CA THR A 338 -5.17 -8.96 -6.40
C THR A 338 -5.55 -8.12 -5.15
N PHE A 339 -4.67 -8.10 -4.14
CA PHE A 339 -4.89 -7.25 -2.96
C PHE A 339 -3.66 -6.41 -2.59
N THR A 340 -2.54 -6.61 -3.30
CA THR A 340 -1.36 -5.81 -3.03
C THR A 340 -1.19 -4.72 -4.05
N SER A 341 -1.87 -4.82 -5.18
CA SER A 341 -1.65 -3.80 -6.19
C SER A 341 -2.88 -2.93 -6.45
N GLN A 342 -2.63 -1.70 -6.89
CA GLN A 342 -3.61 -0.63 -6.85
C GLN A 342 -3.78 -0.05 -8.28
N PHE A 343 -5.01 -0.04 -8.75
CA PHE A 343 -5.27 0.35 -10.12
C PHE A 343 -6.39 1.37 -10.31
N ALA A 344 -6.17 2.27 -11.28
CA ALA A 344 -7.23 3.12 -11.80
C ALA A 344 -8.32 2.23 -12.40
N VAL A 345 -9.53 2.37 -11.88
CA VAL A 345 -10.59 1.36 -12.06
C VAL A 345 -11.65 1.78 -13.07
N GLY A 346 -12.02 3.04 -13.04
CA GLY A 346 -12.99 3.52 -13.99
C GLY A 346 -14.38 3.46 -13.40
N SER A 347 -15.37 3.22 -14.27
CA SER A 347 -16.74 3.48 -13.89
C SER A 347 -17.41 2.33 -13.13
N SER A 348 -16.63 1.32 -12.79
CA SER A 348 -17.13 0.26 -11.92
C SER A 348 -17.69 0.76 -10.60
N VAL A 349 -17.18 1.89 -10.13
CA VAL A 349 -17.51 2.38 -8.80
C VAL A 349 -18.87 3.09 -8.72
N LYS A 350 -19.49 3.34 -9.88
CA LYS A 350 -20.73 4.14 -9.95
C LYS A 350 -21.87 3.69 -9.00
N GLY A 351 -21.90 2.40 -8.71
CA GLY A 351 -22.83 1.91 -7.72
C GLY A 351 -22.61 2.61 -6.40
N GLY A 352 -21.37 2.61 -5.92
CA GLY A 352 -21.04 3.22 -4.63
C GLY A 352 -21.36 4.71 -4.59
N THR A 353 -21.01 5.43 -5.65
CA THR A 353 -21.32 6.86 -5.65
C THR A 353 -22.79 7.23 -5.54
N LEU A 354 -23.68 6.45 -6.15
CA LEU A 354 -25.12 6.71 -6.00
C LEU A 354 -25.52 6.54 -4.54
N LEU A 355 -25.09 5.42 -3.95
CA LEU A 355 -25.26 5.15 -2.53
C LEU A 355 -24.78 6.34 -1.64
N ALA A 356 -23.57 6.81 -1.88
CA ALA A 356 -23.06 7.98 -1.19
C ALA A 356 -23.97 9.19 -1.45
N GLY A 357 -24.48 9.26 -2.67
CA GLY A 357 -25.31 10.39 -3.08
C GLY A 357 -26.72 10.28 -2.52
N TYR A 358 -27.13 9.05 -2.21
CA TYR A 358 -28.39 8.80 -1.51
C TYR A 358 -28.28 9.23 -0.04
N GLN A 359 -27.24 8.74 0.64
CA GLN A 359 -27.18 8.84 2.09
C GLN A 359 -26.98 10.27 2.60
N ASN A 360 -26.26 11.07 1.83
CA ASN A 360 -26.37 12.53 1.96
C ASN A 360 -27.50 12.86 1.01
N LYS A 361 -28.30 13.86 1.29
CA LYS A 361 -29.51 13.97 0.47
C LYS A 361 -29.30 14.62 -0.92
N ALA A 362 -28.25 14.18 -1.62
CA ALA A 362 -27.87 14.82 -2.89
C ALA A 362 -28.85 14.46 -4.02
N ILE A 363 -29.27 13.19 -4.04
CA ILE A 363 -30.22 12.69 -5.00
C ILE A 363 -31.16 11.73 -4.27
N LYS A 364 -32.41 11.62 -4.76
CA LYS A 364 -33.35 10.62 -4.24
C LYS A 364 -33.35 9.42 -5.16
N VAL A 365 -33.99 8.35 -4.72
CA VAL A 365 -33.97 7.15 -5.55
C VAL A 365 -35.07 7.19 -6.61
N GLY A 366 -34.69 6.90 -7.85
CA GLY A 366 -35.60 7.03 -8.98
C GLY A 366 -35.40 8.33 -9.72
N GLU A 367 -34.62 9.22 -9.10
CA GLU A 367 -34.31 10.53 -9.67
C GLU A 367 -34.02 10.39 -11.15
N THR A 368 -34.86 11.05 -11.94
CA THR A 368 -34.81 10.93 -13.39
C THR A 368 -34.06 12.03 -14.15
N MET A 369 -33.56 13.07 -13.48
CA MET A 369 -33.17 14.27 -14.26
C MET A 369 -31.99 14.13 -15.24
N VAL A 370 -32.00 15.01 -16.25
CA VAL A 370 -31.44 14.81 -17.59
C VAL A 370 -29.93 15.10 -17.75
N ASP A 371 -29.29 14.40 -18.70
CA ASP A 371 -27.84 14.50 -18.97
C ASP A 371 -27.49 15.06 -20.35
N GLU A 372 -26.26 15.54 -20.48
CA GLU A 372 -25.84 16.46 -21.53
C GLU A 372 -24.33 16.53 -21.66
N PRO A 373 -23.84 17.10 -22.77
CA PRO A 373 -22.49 17.65 -22.66
C PRO A 373 -22.48 18.75 -21.58
N LEU A 374 -21.36 18.99 -20.91
CA LEU A 374 -21.32 19.98 -19.81
C LEU A 374 -20.35 21.12 -20.05
N HIS A 375 -20.71 22.33 -19.64
CA HIS A 375 -19.81 23.46 -19.89
C HIS A 375 -19.44 24.24 -18.64
N PHE A 376 -18.13 24.41 -18.45
CA PHE A 376 -17.61 25.29 -17.42
C PHE A 376 -16.64 26.29 -18.07
N GLN A 377 -16.00 27.14 -17.26
CA GLN A 377 -15.05 28.12 -17.79
C GLN A 377 -13.83 27.42 -18.38
N GLY A 378 -13.95 26.97 -19.62
CA GLY A 378 -12.91 26.17 -20.25
C GLY A 378 -13.22 24.68 -20.31
N GLY A 379 -13.58 24.10 -19.18
CA GLY A 379 -13.83 22.67 -19.12
C GLY A 379 -15.09 22.26 -19.84
N LEU A 380 -14.96 21.27 -20.73
CA LEU A 380 -16.12 20.56 -21.25
C LEU A 380 -15.92 19.07 -20.97
N THR A 381 -16.87 18.47 -20.24
CA THR A 381 -16.83 17.03 -20.05
C THR A 381 -18.01 16.37 -20.76
N LYS A 382 -17.69 15.53 -21.74
CA LYS A 382 -18.73 14.89 -22.52
C LYS A 382 -18.83 13.46 -22.02
N ARG A 383 -20.06 12.98 -21.79
CA ARG A 383 -20.21 11.59 -21.38
C ARG A 383 -19.77 10.68 -22.52
N SER A 384 -19.54 9.44 -22.17
CA SER A 384 -18.68 8.54 -22.90
C SER A 384 -19.30 7.87 -24.12
N TYR A 385 -20.49 8.31 -24.51
CA TYR A 385 -21.22 7.59 -25.56
C TYR A 385 -22.21 8.45 -26.27
N PHE A 386 -22.27 9.71 -25.86
CA PHE A 386 -22.55 10.79 -26.81
C PHE A 386 -21.93 12.10 -26.35
N ASN A 387 -21.25 12.78 -27.29
CA ASN A 387 -20.29 13.82 -26.97
C ASN A 387 -20.71 15.21 -27.47
N LYS A 388 -21.71 15.22 -28.35
CA LYS A 388 -22.07 16.41 -29.12
C LYS A 388 -23.40 17.01 -28.64
N ASN A 389 -24.51 16.40 -29.06
CA ASN A 389 -25.72 16.44 -28.26
C ASN A 389 -26.26 15.04 -27.96
N GLY A 390 -27.57 14.93 -28.00
CA GLY A 390 -28.25 14.03 -27.10
C GLY A 390 -28.59 14.95 -25.94
N HIS A 391 -29.84 14.92 -25.54
CA HIS A 391 -30.26 15.62 -24.36
C HIS A 391 -31.32 14.70 -23.77
N VAL A 392 -30.85 13.54 -23.31
CA VAL A 392 -31.72 12.46 -22.85
C VAL A 392 -31.93 12.50 -21.34
N SER A 393 -33.14 12.13 -20.92
CA SER A 393 -33.43 11.81 -19.54
C SER A 393 -32.84 10.44 -19.22
N ILE A 394 -33.24 9.88 -18.08
CA ILE A 394 -32.48 8.81 -17.48
C ILE A 394 -33.12 8.52 -16.14
N ASN A 395 -32.59 7.55 -15.43
CA ASN A 395 -32.77 7.54 -14.00
C ASN A 395 -31.47 6.99 -13.43
N ASP A 396 -31.47 6.68 -12.14
CA ASP A 396 -30.26 6.16 -11.51
C ASP A 396 -29.86 4.79 -12.09
N LYS A 397 -30.82 3.89 -12.27
CA LYS A 397 -30.52 2.61 -12.89
C LYS A 397 -29.87 2.79 -14.25
N GLN A 398 -30.52 3.57 -15.10
CA GLN A 398 -30.13 3.71 -16.50
C GLN A 398 -28.71 4.25 -16.67
N ALA A 399 -28.36 5.22 -15.83
CA ALA A 399 -27.02 5.80 -15.83
C ALA A 399 -25.94 4.73 -15.66
N LEU A 400 -26.21 3.73 -14.81
CA LEU A 400 -25.26 2.63 -14.65
C LEU A 400 -25.24 1.74 -15.90
N MET A 401 -26.41 1.51 -16.49
CA MET A 401 -26.51 0.72 -17.72
C MET A 401 -25.63 1.32 -18.82
N HIS A 402 -25.75 2.64 -18.97
CA HIS A 402 -24.96 3.43 -19.92
C HIS A 402 -23.52 3.71 -19.48
N SER A 403 -23.22 3.57 -18.18
CA SER A 403 -21.91 3.93 -17.62
C SER A 403 -21.74 5.43 -17.88
N SER A 404 -22.85 6.13 -17.63
CA SER A 404 -23.00 7.57 -17.85
C SER A 404 -22.15 8.42 -16.93
N ASN A 405 -21.09 9.02 -17.45
CA ASN A 405 -20.25 9.92 -16.69
C ASN A 405 -20.98 11.12 -16.11
N VAL A 406 -21.99 11.60 -16.84
CA VAL A 406 -22.61 12.91 -16.55
C VAL A 406 -23.68 12.82 -15.46
N TYR A 407 -24.31 11.64 -15.30
CA TYR A 407 -25.21 11.51 -14.17
C TYR A 407 -24.41 11.57 -12.87
N MET A 408 -23.22 10.98 -12.86
CA MET A 408 -22.36 11.01 -11.67
C MET A 408 -21.79 12.42 -11.43
N PHE A 409 -21.49 13.15 -12.51
CA PHE A 409 -21.03 14.53 -12.37
C PHE A 409 -22.12 15.40 -11.75
N LYS A 410 -23.35 15.19 -12.20
CA LYS A 410 -24.52 15.93 -11.72
C LYS A 410 -24.75 15.70 -10.22
N THR A 411 -24.67 14.44 -9.81
CA THR A 411 -24.82 14.09 -8.39
C THR A 411 -23.70 14.68 -7.53
N ALA A 412 -22.48 14.64 -8.05
CA ALA A 412 -21.33 15.18 -7.36
C ALA A 412 -21.53 16.67 -7.10
N LEU A 413 -21.99 17.40 -8.11
CA LEU A 413 -22.34 18.80 -7.92
C LEU A 413 -23.50 19.00 -6.91
N LYS A 414 -24.51 18.14 -6.94
CA LYS A 414 -25.58 18.27 -5.95
C LYS A 414 -25.02 17.95 -4.56
N LEU A 415 -24.14 16.95 -4.47
CA LEU A 415 -23.43 16.67 -3.21
C LEU A 415 -22.61 17.87 -2.70
N ALA A 416 -22.11 18.66 -3.64
CA ALA A 416 -21.30 19.81 -3.30
C ALA A 416 -22.13 21.08 -3.09
N GLY A 417 -23.46 20.95 -3.04
CA GLY A 417 -24.35 22.08 -2.82
C GLY A 417 -24.41 23.08 -3.97
N ASP A 418 -23.94 22.64 -5.14
CA ASP A 418 -23.69 23.52 -6.28
C ASP A 418 -24.15 22.88 -7.60
N PRO A 419 -25.47 22.63 -7.75
CA PRO A 419 -26.00 21.93 -8.92
C PRO A 419 -25.56 22.57 -10.22
N TYR A 420 -25.55 21.80 -11.30
CA TYR A 420 -25.10 22.31 -12.58
C TYR A 420 -26.00 23.39 -13.16
N TYR A 421 -25.39 24.52 -13.49
CA TYR A 421 -25.90 25.43 -14.50
C TYR A 421 -24.80 25.64 -15.55
N SER A 422 -25.17 25.69 -16.83
CA SER A 422 -24.17 25.82 -17.88
C SER A 422 -23.30 27.07 -17.71
N GLY A 423 -22.00 26.89 -17.81
CA GLY A 423 -21.06 27.98 -17.63
C GLY A 423 -20.94 28.45 -16.19
N MET A 424 -20.97 27.50 -15.26
CA MET A 424 -20.75 27.79 -13.86
C MET A 424 -19.24 27.68 -13.63
N ALA A 425 -18.71 28.34 -12.63
CA ALA A 425 -17.35 27.99 -12.25
C ALA A 425 -17.46 26.68 -11.45
N LEU A 426 -16.53 25.76 -11.67
CA LEU A 426 -16.41 24.59 -10.82
C LEU A 426 -16.22 25.11 -9.40
N PRO A 427 -16.83 24.43 -8.41
CA PRO A 427 -16.67 24.95 -7.04
C PRO A 427 -15.21 24.92 -6.58
N SER A 428 -14.74 26.01 -5.97
CA SER A 428 -13.34 26.17 -5.57
C SER A 428 -12.84 25.27 -4.42
N ASP A 429 -13.66 25.10 -3.38
CA ASP A 429 -13.31 24.18 -2.31
C ASP A 429 -14.28 23.00 -2.31
N ILE A 430 -13.74 21.81 -2.47
CA ILE A 430 -14.56 20.60 -2.49
C ILE A 430 -14.13 19.61 -1.42
N SER A 431 -13.40 20.12 -0.43
CA SER A 431 -13.00 19.32 0.74
C SER A 431 -14.17 18.53 1.30
N SER A 432 -15.22 19.26 1.68
CA SER A 432 -16.40 18.69 2.33
C SER A 432 -17.14 17.62 1.50
N PRO A 433 -17.56 17.96 0.26
CA PRO A 433 -18.17 16.94 -0.59
C PRO A 433 -17.28 15.72 -0.82
N ALA A 434 -16.00 15.96 -1.13
CA ALA A 434 -15.02 14.89 -1.36
C ALA A 434 -15.00 13.95 -0.18
N GLN A 435 -14.89 14.52 1.01
CA GLN A 435 -14.92 13.73 2.23
C GLN A 435 -16.20 12.91 2.34
N LYS A 436 -17.33 13.51 1.99
CA LYS A 436 -18.61 12.80 2.02
C LYS A 436 -18.64 11.66 1.01
N LEU A 437 -18.19 11.95 -0.21
CA LEU A 437 -18.13 10.93 -1.27
C LEU A 437 -17.24 9.75 -0.85
N ARG A 438 -16.01 10.04 -0.42
CA ARG A 438 -15.08 9.00 0.05
C ARG A 438 -15.65 8.14 1.18
N ARG A 439 -16.36 8.75 2.13
CA ARG A 439 -16.90 7.97 3.24
C ARG A 439 -18.04 7.06 2.79
N GLY A 440 -18.83 7.55 1.84
CA GLY A 440 -19.76 6.70 1.16
C GLY A 440 -19.02 5.49 0.57
N LEU A 441 -18.07 5.73 -0.33
CA LEU A 441 -17.37 4.64 -1.03
C LEU A 441 -16.66 3.68 -0.06
N ASN A 442 -16.09 4.21 1.03
CA ASN A 442 -15.48 3.40 2.08
C ASN A 442 -16.44 2.38 2.65
N GLN A 443 -17.73 2.71 2.72
CA GLN A 443 -18.68 1.79 3.33
C GLN A 443 -18.82 0.50 2.56
N VAL A 444 -18.52 0.51 1.25
CA VAL A 444 -18.61 -0.74 0.48
C VAL A 444 -17.23 -1.31 0.22
N GLY A 445 -16.20 -0.64 0.75
CA GLY A 445 -14.85 -1.19 0.74
C GLY A 445 -13.94 -0.53 -0.28
N LEU A 446 -14.43 0.55 -0.91
CA LEU A 446 -13.65 1.28 -1.89
C LEU A 446 -12.83 2.36 -1.17
N GLY A 447 -11.55 2.09 -0.90
CA GLY A 447 -10.65 3.09 -0.32
C GLY A 447 -10.22 2.78 1.10
N VAL A 448 -10.49 1.56 1.53
CA VAL A 448 -10.27 1.11 2.90
C VAL A 448 -9.88 -0.35 2.72
N LYS A 449 -9.09 -0.91 3.63
CA LYS A 449 -8.65 -2.29 3.49
C LYS A 449 -9.84 -3.20 3.73
N THR A 450 -9.93 -4.25 2.93
CA THR A 450 -11.05 -5.17 3.02
C THR A 450 -10.93 -5.99 4.26
N GLY A 451 -9.69 -6.16 4.71
CA GLY A 451 -9.39 -6.93 5.90
C GLY A 451 -8.94 -8.36 5.67
N ILE A 452 -8.62 -8.72 4.44
CA ILE A 452 -8.18 -10.09 4.15
C ILE A 452 -7.03 -10.62 5.05
N ASP A 453 -7.14 -11.88 5.49
CA ASP A 453 -6.11 -12.54 6.28
C ASP A 453 -4.83 -12.84 5.48
N LEU A 454 -4.15 -11.81 5.00
CA LEU A 454 -2.86 -11.96 4.31
C LEU A 454 -2.12 -10.63 4.42
N PRO A 455 -0.78 -10.65 4.46
CA PRO A 455 -0.09 -9.40 4.77
C PRO A 455 -0.02 -8.50 3.55
N ASN A 456 0.30 -7.23 3.77
CA ASN A 456 0.60 -6.32 2.67
C ASN A 456 -0.61 -5.93 1.84
N GLU A 457 -1.84 -6.05 2.35
CA GLU A 457 -2.94 -5.50 1.56
C GLU A 457 -2.74 -3.98 1.53
N THR A 458 -3.10 -3.34 0.43
CA THR A 458 -3.15 -1.87 0.35
C THR A 458 -4.56 -1.43 0.21
N ARG A 459 -4.78 -0.16 0.48
CA ARG A 459 -6.10 0.42 0.41
C ARG A 459 -6.23 1.31 -0.84
N GLY A 460 -5.13 1.48 -1.57
CA GLY A 460 -5.14 2.30 -2.77
C GLY A 460 -4.61 3.71 -2.55
N GLN A 461 -4.20 4.36 -3.63
CA GLN A 461 -3.61 5.69 -3.52
C GLN A 461 -4.69 6.74 -3.25
N ILE A 462 -4.51 7.50 -2.17
CA ILE A 462 -5.54 8.42 -1.69
C ILE A 462 -5.00 9.82 -1.41
N GLU A 463 -5.05 10.65 -2.43
CA GLU A 463 -4.43 11.96 -2.40
C GLU A 463 -5.40 13.09 -2.04
N PRO A 464 -4.86 14.18 -1.44
CA PRO A 464 -5.64 15.31 -0.93
C PRO A 464 -6.67 15.77 -1.94
N LEU A 465 -7.84 16.19 -1.49
CA LEU A 465 -8.89 16.64 -2.40
C LEU A 465 -9.56 17.89 -1.83
N THR A 466 -8.97 19.05 -2.07
CA THR A 466 -9.52 20.28 -1.52
C THR A 466 -9.91 21.29 -2.61
N ASN A 467 -8.98 21.58 -3.49
CA ASN A 467 -9.20 22.63 -4.47
C ASN A 467 -9.07 22.11 -5.89
N ASN A 468 -9.17 20.79 -6.04
CA ASN A 468 -9.15 20.22 -7.38
C ASN A 468 -10.46 19.54 -7.75
N PRO A 469 -11.43 20.35 -8.21
CA PRO A 469 -12.80 19.99 -8.58
C PRO A 469 -12.83 18.98 -9.72
N GLY A 470 -11.96 19.20 -10.71
CA GLY A 470 -11.70 18.18 -11.71
C GLY A 470 -11.55 16.78 -11.11
N ASN A 471 -10.60 16.63 -10.18
CA ASN A 471 -10.37 15.33 -9.56
C ASN A 471 -11.56 14.80 -8.79
N TYR A 472 -12.25 15.73 -8.16
CA TYR A 472 -13.45 15.39 -7.40
C TYR A 472 -14.46 14.74 -8.35
N LEU A 473 -14.67 15.38 -9.49
CA LEU A 473 -15.50 14.83 -10.56
C LEU A 473 -14.99 13.49 -11.02
N ASP A 474 -13.68 13.36 -11.17
CA ASP A 474 -13.12 12.09 -11.61
C ASP A 474 -13.33 11.00 -10.56
N LEU A 475 -13.39 11.40 -9.29
CA LEU A 475 -13.59 10.46 -8.19
C LEU A 475 -14.95 9.78 -8.29
N SER A 476 -15.96 10.56 -8.66
CA SER A 476 -17.33 10.04 -8.75
C SER A 476 -17.48 9.13 -9.95
N ILE A 477 -16.43 9.08 -10.78
CA ILE A 477 -16.40 8.24 -11.96
C ILE A 477 -15.55 7.03 -11.65
N GLY A 478 -14.50 7.24 -10.85
CA GLY A 478 -13.57 6.17 -10.51
C GLY A 478 -12.22 6.35 -11.21
N GLN A 479 -11.86 7.61 -11.43
CA GLN A 479 -10.65 7.94 -12.17
C GLN A 479 -9.73 8.89 -11.40
N TYR A 480 -9.92 8.95 -10.08
CA TYR A 480 -8.93 9.53 -9.20
C TYR A 480 -8.31 8.42 -8.33
N ASP A 481 -8.91 8.16 -7.18
CA ASP A 481 -8.39 7.18 -6.23
C ASP A 481 -8.28 5.81 -6.89
N THR A 482 -7.11 5.18 -6.78
CA THR A 482 -6.94 3.82 -7.29
C THR A 482 -7.43 2.80 -6.28
N TYR A 483 -8.05 1.73 -6.78
CA TYR A 483 -8.55 0.65 -5.96
C TYR A 483 -7.92 -0.67 -6.32
N THR A 484 -8.26 -1.66 -5.50
CA THR A 484 -7.73 -3.02 -5.59
C THR A 484 -8.78 -3.98 -6.15
N PRO A 485 -8.34 -5.01 -6.89
CA PRO A 485 -9.31 -6.03 -7.34
C PRO A 485 -10.15 -6.59 -6.17
N LEU A 486 -9.51 -7.04 -5.10
CA LEU A 486 -10.21 -7.39 -3.82
C LEU A 486 -11.23 -6.35 -3.35
N GLN A 487 -10.86 -5.07 -3.36
CA GLN A 487 -11.79 -4.00 -3.01
C GLN A 487 -13.02 -4.03 -3.92
N LEU A 488 -12.80 -4.10 -5.22
CA LEU A 488 -13.90 -4.22 -6.17
C LEU A 488 -14.79 -5.42 -5.79
N SER A 489 -14.13 -6.55 -5.51
CA SER A 489 -14.83 -7.77 -5.10
C SER A 489 -15.63 -7.55 -3.84
N GLN A 490 -14.97 -7.01 -2.80
CA GLN A 490 -15.69 -6.67 -1.58
C GLN A 490 -16.89 -5.77 -1.86
N TYR A 491 -16.70 -4.79 -2.74
CA TYR A 491 -17.77 -3.85 -3.11
C TYR A 491 -18.98 -4.47 -3.83
N VAL A 492 -18.79 -5.19 -4.94
CA VAL A 492 -19.95 -5.86 -5.58
C VAL A 492 -20.61 -6.84 -4.64
N SER A 493 -19.80 -7.49 -3.80
CA SER A 493 -20.29 -8.44 -2.80
C SER A 493 -21.26 -7.81 -1.81
N THR A 494 -20.89 -6.67 -1.24
CA THR A 494 -21.79 -6.04 -0.29
C THR A 494 -23.06 -5.58 -0.98
N ILE A 495 -22.97 -5.29 -2.28
CA ILE A 495 -24.17 -5.05 -3.06
C ILE A 495 -25.02 -6.32 -3.18
N ALA A 496 -24.38 -7.43 -3.55
CA ALA A 496 -25.05 -8.74 -3.65
C ALA A 496 -25.74 -9.17 -2.35
N ASN A 497 -25.06 -8.89 -1.23
CA ASN A 497 -25.49 -9.32 0.09
C ASN A 497 -26.39 -8.28 0.75
N ASP A 498 -27.05 -7.48 -0.08
CA ASP A 498 -28.04 -6.50 0.37
C ASP A 498 -27.48 -5.55 1.40
N GLY A 499 -26.20 -5.22 1.23
CA GLY A 499 -25.58 -4.13 1.98
C GLY A 499 -24.71 -4.54 3.14
N TYR A 500 -24.46 -5.83 3.29
CA TYR A 500 -23.61 -6.30 4.39
C TYR A 500 -22.17 -6.53 3.92
N ARG A 501 -21.28 -5.64 4.35
CA ARG A 501 -19.89 -5.72 3.90
C ARG A 501 -19.13 -6.69 4.79
N ILE A 502 -18.45 -7.64 4.18
CA ILE A 502 -17.88 -8.77 4.89
C ILE A 502 -16.38 -8.88 4.65
N GLN A 503 -15.66 -9.11 5.74
CA GLN A 503 -14.22 -9.31 5.69
C GLN A 503 -13.88 -10.62 4.98
N PRO A 504 -13.36 -10.51 3.76
CA PRO A 504 -13.03 -11.68 2.94
C PRO A 504 -11.96 -12.48 3.66
N HIS A 505 -11.91 -13.78 3.40
CA HIS A 505 -10.90 -14.59 4.06
C HIS A 505 -10.50 -15.75 3.19
N ILE A 506 -9.20 -16.00 3.13
CA ILE A 506 -8.72 -17.17 2.41
C ILE A 506 -8.57 -18.40 3.31
N GLY A 507 -8.48 -18.18 4.63
CA GLY A 507 -8.49 -19.27 5.59
C GLY A 507 -9.91 -19.68 5.91
N LEU A 508 -10.18 -20.99 5.84
CA LEU A 508 -11.51 -21.55 6.13
C LEU A 508 -11.60 -22.14 7.55
N THR A 509 -10.90 -23.25 7.78
CA THR A 509 -10.80 -23.85 9.13
C THR A 509 -9.39 -24.27 9.51
N ILE A 510 -9.08 -24.11 10.80
CA ILE A 510 -7.82 -24.58 11.39
C ILE A 510 -8.07 -25.92 12.14
N HIS A 511 -7.33 -26.98 11.78
CA HIS A 511 -7.58 -28.27 12.42
C HIS A 511 -6.52 -28.65 13.45
N GLU A 512 -6.25 -29.95 13.59
CA GLU A 512 -5.21 -30.36 14.53
C GLU A 512 -4.24 -31.42 13.97
N SER A 513 -3.15 -31.66 14.69
CA SER A 513 -2.02 -32.52 14.29
C SER A 513 -2.41 -33.82 13.56
N THR A 514 -1.64 -34.17 12.54
CA THR A 514 -1.80 -35.45 11.85
C THR A 514 -0.61 -35.75 10.93
N ASN A 515 -0.13 -36.98 10.98
CA ASN A 515 0.83 -37.46 9.99
C ASN A 515 0.07 -38.18 8.88
N LYS A 516 -1.06 -38.76 9.27
CA LYS A 516 -1.85 -39.67 8.45
C LYS A 516 -3.18 -39.07 7.97
N ASP A 517 -4.10 -38.79 8.91
CA ASP A 517 -5.49 -38.41 8.61
C ASP A 517 -5.66 -37.11 7.83
N GLU A 518 -6.31 -37.18 6.67
CA GLU A 518 -6.44 -35.97 5.84
C GLU A 518 -7.52 -34.98 6.34
N VAL A 519 -7.68 -34.94 7.67
CA VAL A 519 -7.83 -33.74 8.54
C VAL A 519 -8.02 -34.20 9.97
N GLY A 520 -7.45 -33.45 10.91
CA GLY A 520 -7.77 -33.65 12.29
C GLY A 520 -9.13 -33.08 12.61
N PRO A 521 -9.53 -33.12 13.90
CA PRO A 521 -10.74 -32.41 14.32
C PRO A 521 -10.57 -30.91 14.19
N LEU A 522 -11.69 -30.20 14.09
CA LEU A 522 -11.73 -28.75 13.99
C LEU A 522 -11.22 -28.08 15.27
N LYS A 523 -10.51 -26.99 15.11
CA LYS A 523 -10.09 -26.22 16.27
C LYS A 523 -10.60 -24.77 16.15
N LYS A 524 -10.62 -24.26 14.92
CA LYS A 524 -11.14 -22.92 14.73
C LYS A 524 -11.72 -22.71 13.34
N LYS A 525 -12.99 -22.34 13.28
CA LYS A 525 -13.58 -21.84 12.06
C LYS A 525 -13.10 -20.39 11.90
N ILE A 526 -12.69 -20.02 10.68
CA ILE A 526 -12.27 -18.64 10.37
C ILE A 526 -13.46 -17.98 9.68
N ASN A 527 -14.02 -16.96 10.32
CA ASN A 527 -15.33 -16.47 9.88
C ASN A 527 -15.27 -15.19 9.06
N GLY A 528 -16.18 -15.07 8.10
CA GLY A 528 -16.38 -13.83 7.37
C GLY A 528 -17.09 -12.82 8.27
N THR A 529 -16.31 -12.05 9.01
CA THR A 529 -16.88 -11.07 9.92
C THR A 529 -17.62 -9.99 9.15
N VAL A 530 -18.81 -9.60 9.62
CA VAL A 530 -19.49 -8.45 9.03
C VAL A 530 -18.78 -7.18 9.50
N LEU A 531 -18.28 -6.38 8.58
CA LEU A 531 -17.55 -5.18 8.97
C LEU A 531 -18.52 -4.01 9.24
N ASN A 532 -19.62 -4.00 8.50
CA ASN A 532 -20.66 -2.96 8.63
C ASN A 532 -21.74 -3.15 7.59
N LYS A 533 -22.83 -2.39 7.71
CA LYS A 533 -23.86 -2.36 6.66
C LYS A 533 -23.89 -0.94 6.11
N VAL A 534 -24.06 -0.83 4.80
CA VAL A 534 -24.15 0.46 4.16
C VAL A 534 -25.19 1.31 4.86
N ASN A 535 -24.86 2.58 5.05
CA ASN A 535 -25.84 3.48 5.56
C ASN A 535 -26.81 3.83 4.42
N ASN A 536 -27.63 2.86 4.02
CA ASN A 536 -28.60 3.06 2.94
C ASN A 536 -29.85 2.21 3.18
N THR A 537 -30.98 2.69 2.66
CA THR A 537 -32.26 1.99 2.81
C THR A 537 -32.35 0.80 1.86
N GLU A 538 -33.33 -0.07 2.10
CA GLU A 538 -33.55 -1.22 1.22
C GLU A 538 -33.83 -0.79 -0.22
N LYS A 539 -34.55 0.31 -0.40
CA LYS A 539 -34.89 0.76 -1.73
C LYS A 539 -33.70 1.37 -2.48
N GLU A 540 -32.75 1.93 -1.75
CA GLU A 540 -31.54 2.44 -2.38
C GLU A 540 -30.64 1.27 -2.79
N ILE A 541 -30.43 0.35 -1.84
CA ILE A 541 -29.72 -0.90 -2.10
C ILE A 541 -30.28 -1.65 -3.35
N LYS A 542 -31.55 -2.04 -3.30
CA LYS A 542 -32.17 -2.77 -4.40
C LYS A 542 -32.02 -2.03 -5.72
N GLN A 543 -32.03 -0.71 -5.68
CA GLN A 543 -31.91 0.05 -6.91
C GLN A 543 -30.54 -0.11 -7.58
N ILE A 544 -29.45 -0.08 -6.82
CA ILE A 544 -28.15 -0.44 -7.42
C ILE A 544 -28.16 -1.81 -8.11
N GLN A 545 -28.88 -2.76 -7.53
CA GLN A 545 -28.93 -4.12 -8.09
C GLN A 545 -29.61 -4.10 -9.45
N GLU A 546 -30.77 -3.44 -9.50
CA GLU A 546 -31.55 -3.32 -10.72
C GLU A 546 -30.72 -2.66 -11.82
N GLY A 547 -30.07 -1.55 -11.46
CA GLY A 547 -29.11 -0.90 -12.33
C GLY A 547 -28.05 -1.85 -12.84
N PHE A 548 -27.54 -2.70 -11.93
CA PHE A 548 -26.51 -3.70 -12.23
C PHE A 548 -27.00 -4.86 -13.12
N LYS A 549 -28.25 -5.29 -12.94
CA LYS A 549 -28.84 -6.23 -13.89
C LYS A 549 -28.80 -5.63 -15.28
N MET A 550 -29.47 -4.49 -15.43
CA MET A 550 -29.69 -3.90 -16.74
C MET A 550 -28.43 -3.32 -17.39
N ALA A 551 -27.26 -3.48 -16.77
CA ALA A 551 -26.03 -3.04 -17.42
C ALA A 551 -25.41 -4.23 -18.14
N PHE A 552 -25.92 -5.39 -17.76
CA PHE A 552 -25.38 -6.64 -18.24
C PHE A 552 -26.37 -7.33 -19.14
N ASN A 553 -27.65 -7.10 -18.87
CA ASN A 553 -28.72 -7.89 -19.50
C ASN A 553 -29.60 -7.11 -20.49
N ASP A 554 -29.74 -5.81 -20.28
CA ASP A 554 -30.39 -4.97 -21.28
C ASP A 554 -29.32 -4.47 -22.26
N LYS A 555 -29.74 -4.25 -23.49
CA LYS A 555 -28.84 -4.16 -24.65
C LYS A 555 -27.99 -2.87 -24.79
N ASP A 556 -28.48 -1.74 -24.28
CA ASP A 556 -27.64 -0.55 -24.16
C ASP A 556 -26.67 -0.65 -22.97
N GLY A 557 -26.70 -1.77 -22.25
CA GLY A 557 -25.80 -1.98 -21.13
C GLY A 557 -24.40 -2.20 -21.63
N THR A 558 -23.42 -1.62 -20.94
CA THR A 558 -22.04 -1.72 -21.41
C THR A 558 -21.44 -3.10 -21.15
N GLY A 559 -22.28 -4.07 -20.80
CA GLY A 559 -21.82 -5.43 -20.61
C GLY A 559 -22.74 -6.43 -21.26
N TYR A 560 -23.30 -6.03 -22.38
CA TYR A 560 -24.13 -6.93 -23.14
C TYR A 560 -23.20 -7.90 -23.85
N VAL A 561 -22.21 -7.39 -24.56
CA VAL A 561 -21.39 -8.23 -25.44
C VAL A 561 -20.34 -9.07 -24.71
N SER A 562 -20.59 -9.35 -23.43
CA SER A 562 -19.80 -10.30 -22.66
C SER A 562 -20.73 -11.14 -21.81
N PHE A 563 -21.75 -10.47 -21.27
CA PHE A 563 -22.61 -11.04 -20.24
C PHE A 563 -24.05 -11.24 -20.65
N LYS A 564 -24.43 -10.60 -21.78
CA LYS A 564 -25.83 -10.52 -22.31
C LYS A 564 -26.84 -11.46 -21.66
N ASP A 565 -26.57 -12.75 -21.76
CA ASP A 565 -27.16 -13.76 -20.88
C ASP A 565 -26.46 -15.09 -21.11
N THR A 566 -26.41 -15.89 -20.06
CA THR A 566 -25.75 -17.19 -20.13
C THR A 566 -26.33 -18.13 -19.08
N VAL A 567 -25.53 -19.09 -18.62
CA VAL A 567 -26.05 -20.22 -17.85
C VAL A 567 -26.77 -19.77 -16.59
N VAL A 568 -26.45 -18.56 -16.17
CA VAL A 568 -27.16 -17.93 -15.08
C VAL A 568 -26.94 -16.44 -15.24
N PRO A 569 -27.93 -15.64 -14.81
CA PRO A 569 -27.83 -14.18 -14.97
C PRO A 569 -26.76 -13.56 -14.05
N THR A 570 -26.03 -12.61 -14.63
CA THR A 570 -24.99 -11.86 -13.95
C THR A 570 -25.42 -10.41 -13.92
N ALA A 571 -25.40 -9.80 -12.73
CA ALA A 571 -25.60 -8.37 -12.59
C ALA A 571 -24.22 -7.80 -12.30
N GLY A 572 -23.94 -6.60 -12.81
CA GLY A 572 -22.59 -6.07 -12.66
C GLY A 572 -22.41 -4.66 -13.19
N LYS A 573 -21.18 -4.31 -13.55
CA LYS A 573 -20.89 -2.94 -14.03
C LYS A 573 -19.55 -2.85 -14.76
N THR A 574 -19.51 -2.02 -15.79
CA THR A 574 -18.30 -1.86 -16.58
C THR A 574 -17.34 -0.87 -15.96
N GLY A 575 -16.07 -1.06 -16.27
CA GLY A 575 -15.05 -0.15 -15.81
C GLY A 575 -14.26 0.37 -17.00
N THR A 576 -14.17 1.68 -17.10
CA THR A 576 -13.51 2.27 -18.25
C THR A 576 -12.57 3.44 -17.84
N ALA A 577 -11.26 3.19 -17.73
CA ALA A 577 -10.35 4.27 -17.31
C ALA A 577 -9.14 4.53 -18.21
N GLU A 578 -8.87 5.83 -18.44
CA GLU A 578 -7.81 6.30 -19.33
C GLU A 578 -6.57 6.73 -18.57
N VAL A 579 -5.41 6.19 -18.96
CA VAL A 579 -4.17 6.39 -18.19
C VAL A 579 -2.91 6.50 -19.08
N PHE A 580 -1.76 6.83 -18.47
CA PHE A 580 -0.50 7.00 -19.22
C PHE A 580 0.55 5.88 -19.05
N GLN A 581 0.99 5.31 -20.18
CA GLN A 581 2.09 4.34 -20.23
C GLN A 581 3.25 4.86 -21.09
N GLU A 584 3.05 7.68 -22.87
CA GLU A 584 2.17 7.24 -23.95
C GLU A 584 0.84 6.70 -23.43
N PRO A 585 -0.27 7.31 -23.85
CA PRO A 585 -1.62 7.02 -23.37
C PRO A 585 -2.18 5.67 -23.78
N ARG A 586 -2.50 4.86 -22.77
CA ARG A 586 -3.13 3.57 -22.94
C ARG A 586 -4.45 3.57 -22.14
N VAL A 587 -5.01 2.40 -21.89
CA VAL A 587 -6.23 2.32 -21.09
C VAL A 587 -6.32 1.10 -20.13
N ASN A 588 -6.75 1.35 -18.88
CA ASN A 588 -7.19 0.24 -18.02
C ASN A 588 -8.65 -0.05 -18.29
N SER A 589 -9.02 -1.30 -18.06
CA SER A 589 -10.38 -1.76 -18.29
C SER A 589 -10.74 -2.69 -17.17
N THR A 590 -11.99 -2.59 -16.74
CA THR A 590 -12.43 -3.23 -15.50
C THR A 590 -13.84 -3.81 -15.59
N TYR A 591 -14.06 -4.91 -14.90
CA TYR A 591 -15.37 -5.54 -14.82
C TYR A 591 -15.58 -6.04 -13.39
N ILE A 592 -16.79 -5.86 -12.89
CA ILE A 592 -17.23 -6.43 -11.62
C ILE A 592 -18.66 -6.93 -11.79
N GLY A 593 -19.01 -7.97 -11.04
CA GLY A 593 -20.34 -8.53 -11.14
C GLY A 593 -20.56 -9.64 -10.13
N TYR A 594 -21.73 -10.27 -10.18
CA TYR A 594 -22.02 -11.37 -9.25
C TYR A 594 -23.16 -12.25 -9.76
N ALA A 595 -23.31 -13.43 -9.16
CA ALA A 595 -24.26 -14.40 -9.68
C ALA A 595 -24.60 -15.49 -8.66
N PRO A 596 -25.81 -16.08 -8.77
CA PRO A 596 -26.90 -15.65 -9.67
C PRO A 596 -27.64 -14.44 -9.09
N ILE A 597 -28.69 -13.93 -9.74
CA ILE A 597 -29.38 -12.73 -9.23
C ILE A 597 -30.22 -12.92 -7.93
N ASP A 598 -30.92 -14.03 -7.78
CA ASP A 598 -31.99 -14.11 -6.74
C ASP A 598 -31.57 -14.51 -5.32
N ASP A 599 -30.49 -15.29 -5.22
CA ASP A 599 -29.89 -15.67 -3.93
C ASP A 599 -28.41 -15.95 -4.25
N PRO A 600 -27.62 -14.88 -4.48
CA PRO A 600 -26.26 -14.92 -5.06
C PRO A 600 -25.30 -15.80 -4.27
N LYS A 601 -24.32 -16.40 -4.95
CA LYS A 601 -23.44 -17.39 -4.34
C LYS A 601 -22.03 -17.29 -4.91
N LEU A 602 -21.87 -16.40 -5.90
CA LEU A 602 -20.57 -16.11 -6.51
C LEU A 602 -20.52 -14.62 -6.84
N ALA A 603 -19.37 -14.00 -6.59
CA ALA A 603 -19.12 -12.65 -7.07
C ALA A 603 -17.69 -12.60 -7.55
N PHE A 604 -17.36 -11.58 -8.32
CA PHE A 604 -16.05 -11.56 -8.97
C PHE A 604 -15.63 -10.11 -9.32
N SER A 605 -14.34 -9.95 -9.55
CA SER A 605 -13.82 -8.67 -10.00
C SER A 605 -12.72 -8.97 -11.04
N ILE A 606 -12.57 -8.09 -12.03
CA ILE A 606 -11.61 -8.29 -13.10
C ILE A 606 -10.88 -6.99 -13.43
N VAL A 607 -9.57 -7.04 -13.59
CA VAL A 607 -8.84 -5.84 -14.02
C VAL A 607 -7.79 -6.10 -15.12
N TYR A 608 -7.94 -5.42 -16.26
CA TYR A 608 -6.92 -5.40 -17.30
C TYR A 608 -6.24 -4.03 -17.33
N THR A 609 -4.90 -3.99 -17.29
CA THR A 609 -4.23 -2.68 -17.27
C THR A 609 -3.49 -2.32 -18.58
N ASN A 610 -3.50 -1.02 -18.92
CA ASN A 610 -2.75 -0.49 -20.06
C ASN A 610 -2.97 -1.20 -21.40
N GLN A 611 -4.25 -1.40 -21.74
CA GLN A 611 -4.64 -1.71 -23.12
C GLN A 611 -4.47 -0.43 -23.98
N PRO A 612 -4.11 -0.57 -25.28
CA PRO A 612 -3.97 0.64 -26.12
C PRO A 612 -5.32 1.35 -26.39
N VAL A 613 -6.39 0.76 -25.87
CA VAL A 613 -7.69 0.75 -26.51
C VAL A 613 -8.57 2.01 -26.34
N PRO A 614 -9.05 2.59 -27.47
CA PRO A 614 -10.33 3.30 -27.44
C PRO A 614 -11.43 2.26 -27.23
N PRO A 615 -12.65 2.66 -26.81
CA PRO A 615 -13.75 1.70 -26.58
C PRO A 615 -14.15 0.75 -27.74
N PRO A 616 -14.53 1.28 -28.92
CA PRO A 616 -15.55 0.62 -29.75
C PRO A 616 -15.33 -0.87 -30.10
N TRP A 617 -14.21 -1.45 -29.64
CA TRP A 617 -13.98 -2.88 -29.75
C TRP A 617 -13.89 -3.61 -28.39
N LEU A 618 -12.69 -3.62 -27.80
CA LEU A 618 -12.26 -4.65 -26.83
C LEU A 618 -13.14 -5.01 -25.64
N THR A 619 -13.20 -6.31 -25.35
CA THR A 619 -14.22 -6.89 -24.49
C THR A 619 -13.65 -7.96 -23.53
N GLY A 620 -13.09 -7.53 -22.41
CA GLY A 620 -12.44 -8.44 -21.48
C GLY A 620 -13.35 -9.18 -20.50
N GLY A 621 -14.60 -8.74 -20.39
CA GLY A 621 -15.56 -9.37 -19.51
C GLY A 621 -15.89 -10.79 -19.91
N ASP A 622 -15.32 -11.27 -21.01
CA ASP A 622 -15.54 -12.63 -21.46
C ASP A 622 -14.91 -13.61 -20.48
N LEU A 623 -13.91 -13.16 -19.75
CA LEU A 623 -13.30 -13.98 -18.70
C LEU A 623 -14.33 -14.21 -17.59
N GLY A 624 -14.99 -13.13 -17.18
CA GLY A 624 -16.13 -13.20 -16.29
C GLY A 624 -17.21 -14.16 -16.75
N ARG A 625 -17.60 -14.06 -18.02
CA ARG A 625 -18.58 -14.97 -18.59
C ARG A 625 -18.07 -16.41 -18.56
N ASP A 626 -16.84 -16.60 -19.05
CA ASP A 626 -16.22 -17.93 -19.08
C ASP A 626 -16.13 -18.62 -17.69
N VAL A 627 -15.62 -17.93 -16.66
CA VAL A 627 -15.59 -18.58 -15.35
C VAL A 627 -16.99 -18.83 -14.79
N ILE A 628 -17.87 -17.85 -14.91
CA ILE A 628 -19.23 -18.04 -14.45
C ILE A 628 -19.87 -19.21 -15.22
N ASN A 629 -19.56 -19.34 -16.52
CA ASN A 629 -19.96 -20.51 -17.33
C ASN A 629 -19.44 -21.84 -16.78
N TYR A 630 -18.28 -21.81 -16.14
CA TYR A 630 -17.66 -23.02 -15.62
C TYR A 630 -18.20 -23.43 -14.23
N TYR A 631 -18.23 -22.48 -13.31
CA TYR A 631 -18.71 -22.72 -11.94
C TYR A 631 -20.19 -23.07 -11.93
N PHE A 632 -20.95 -22.46 -12.84
CA PHE A 632 -22.36 -22.75 -12.92
C PHE A 632 -22.68 -23.68 -14.08
N LYS A 633 -21.91 -24.76 -14.21
CA LYS A 633 -22.22 -25.80 -15.19
C LYS A 633 -23.25 -26.81 -14.66
N ALA B 1 -10.19 22.05 30.01
CA ALA B 1 -9.55 21.50 31.22
C ALA B 1 -10.40 20.39 31.85
N GLN B 2 -11.16 20.74 32.88
CA GLN B 2 -11.92 19.78 33.67
C GLN B 2 -13.42 19.78 33.33
N GLY B 3 -14.12 18.69 33.69
CA GLY B 3 -15.56 18.64 33.60
C GLY B 3 -16.10 17.37 32.97
N SER B 4 -17.43 17.20 32.98
CA SER B 4 -18.07 16.13 32.22
C SER B 4 -19.38 16.61 31.63
N HIS B 5 -19.92 15.86 30.68
CA HIS B 5 -21.14 16.25 29.96
C HIS B 5 -22.07 15.07 29.81
N TYR B 6 -23.37 15.33 29.85
CA TYR B 6 -24.37 14.29 29.75
C TYR B 6 -24.33 13.60 28.38
N LYS B 7 -24.21 12.27 28.38
CA LYS B 7 -24.08 11.48 27.15
C LYS B 7 -25.26 10.50 27.01
N GLN B 8 -25.55 9.77 28.09
CA GLN B 8 -26.58 8.73 28.05
C GLN B 8 -27.43 8.70 29.31
N ILE B 9 -28.75 8.55 29.15
CA ILE B 9 -29.64 8.38 30.30
C ILE B 9 -30.57 7.19 30.09
N ILE B 10 -30.41 6.13 30.86
CA ILE B 10 -31.27 4.94 30.70
C ILE B 10 -32.16 4.67 31.90
N LYS B 11 -33.46 4.49 31.67
CA LYS B 11 -34.35 4.06 32.75
C LYS B 11 -34.89 2.67 32.51
N ASN B 12 -35.08 1.91 33.60
CA ASN B 12 -36.01 0.79 33.63
C ASN B 12 -36.43 0.46 35.06
N ASP B 13 -37.72 0.60 35.34
CA ASP B 13 -38.28 0.24 36.64
C ASP B 13 -37.73 1.05 37.81
N GLU B 14 -37.72 2.37 37.65
CA GLU B 14 -37.34 3.30 38.71
C GLU B 14 -35.85 3.19 39.06
N ASN B 15 -35.04 2.79 38.08
CA ASN B 15 -33.60 2.82 38.20
C ASN B 15 -33.03 3.55 36.99
N ILE B 16 -32.41 4.71 37.22
CA ILE B 16 -31.91 5.53 36.13
C ILE B 16 -30.41 5.48 36.17
N THR B 17 -29.83 5.39 34.98
CA THR B 17 -28.38 5.39 34.83
C THR B 17 -27.96 6.56 33.92
N VAL B 18 -27.15 7.46 34.46
CA VAL B 18 -26.68 8.61 33.67
C VAL B 18 -25.22 8.43 33.37
N ASN B 19 -24.86 8.53 32.10
CA ASN B 19 -23.47 8.39 31.72
C ASN B 19 -22.96 9.74 31.23
N GLU B 20 -21.92 10.25 31.88
CA GLU B 20 -21.34 11.52 31.44
C GLU B 20 -20.02 11.27 30.71
N SER B 21 -19.76 12.06 29.68
CA SER B 21 -18.53 11.90 28.93
C SER B 21 -17.45 12.82 29.52
N VAL B 22 -16.21 12.65 29.08
CA VAL B 22 -15.04 13.29 29.70
C VAL B 22 -14.01 13.68 28.66
N PRO B 23 -13.11 14.64 29.01
CA PRO B 23 -12.09 15.08 28.04
C PRO B 23 -11.06 13.98 27.70
N ARG B 24 -10.73 13.85 26.41
CA ARG B 24 -9.61 13.02 25.98
C ARG B 24 -8.27 13.55 26.50
N GLY B 25 -7.27 12.67 26.49
CA GLY B 25 -5.90 13.08 26.76
C GLY B 25 -5.39 14.13 25.76
N ARG B 26 -4.57 15.04 26.26
CA ARG B 26 -3.89 15.97 25.40
C ARG B 26 -2.81 15.27 24.62
N ILE B 27 -2.32 15.96 23.60
CA ILE B 27 -1.17 15.49 22.87
C ILE B 27 -0.13 16.60 22.87
N LEU B 28 1.10 16.25 23.20
CA LEU B 28 2.14 17.25 23.42
C LEU B 28 3.38 16.97 22.57
N ASP B 29 4.20 18.01 22.34
CA ASP B 29 5.50 17.81 21.69
C ASP B 29 6.50 17.16 22.65
N ARG B 30 7.79 17.14 22.29
CA ARG B 30 8.77 16.36 23.04
C ARG B 30 9.23 17.10 24.27
N ASN B 31 8.97 18.40 24.30
CA ASN B 31 9.38 19.21 25.44
C ASN B 31 8.24 19.39 26.44
N GLY B 32 7.02 19.53 25.93
CA GLY B 32 5.86 19.68 26.78
C GLY B 32 4.78 20.57 26.19
N LYS B 33 5.00 21.09 24.98
CA LYS B 33 4.07 22.05 24.41
C LYS B 33 2.78 21.37 23.98
N VAL B 34 1.66 22.03 24.27
CA VAL B 34 0.33 21.50 23.97
C VAL B 34 0.01 21.59 22.48
N LEU B 35 -0.23 20.45 21.84
CA LEU B 35 -0.57 20.41 20.43
C LEU B 35 -2.07 20.21 20.25
N VAL B 36 -2.58 19.15 20.84
CA VAL B 36 -4.00 18.89 20.88
C VAL B 36 -4.57 19.03 22.32
N ASP B 37 -5.46 20.01 22.51
CA ASP B 37 -6.10 20.22 23.79
C ASP B 37 -7.62 20.03 23.71
N ASN B 38 -8.34 20.42 24.75
CA ASN B 38 -9.79 20.28 24.73
C ASN B 38 -10.51 21.60 25.01
N ALA B 39 -11.76 21.67 24.60
CA ALA B 39 -12.59 22.81 24.95
C ALA B 39 -14.02 22.35 25.18
N SER B 40 -14.69 23.09 26.06
CA SER B 40 -16.10 22.93 26.34
C SER B 40 -16.88 23.83 25.39
N LYS B 41 -17.45 23.23 24.36
CA LYS B 41 -18.17 23.98 23.35
C LYS B 41 -19.66 23.79 23.53
N MET B 42 -20.41 24.85 23.23
CA MET B 42 -21.84 24.72 23.02
C MET B 42 -22.07 24.50 21.52
N ALA B 43 -22.62 23.34 21.17
CA ALA B 43 -23.01 23.07 19.79
C ALA B 43 -24.46 23.54 19.54
N ILE B 44 -24.62 24.50 18.61
CA ILE B 44 -25.94 25.01 18.29
C ILE B 44 -26.49 24.34 17.05
N THR B 45 -27.53 23.55 17.22
CA THR B 45 -28.08 22.75 16.13
C THR B 45 -29.40 23.34 15.60
N TYR B 46 -29.75 23.01 14.36
CA TYR B 46 -31.03 23.44 13.79
C TYR B 46 -31.78 22.28 13.18
N THR B 47 -33.03 22.11 13.59
CA THR B 47 -33.81 20.94 13.17
C THR B 47 -35.24 21.28 12.81
N ARG B 48 -35.50 21.71 11.59
CA ARG B 48 -36.87 21.88 11.15
C ARG B 48 -36.99 21.44 9.69
N GLY B 49 -38.14 21.69 9.06
CA GLY B 49 -38.37 21.21 7.70
C GLY B 49 -39.80 20.87 7.31
N ARG B 50 -40.47 20.04 8.10
CA ARG B 50 -41.82 19.56 7.79
C ARG B 50 -42.88 20.67 7.84
N LYS B 51 -42.71 21.60 8.77
CA LYS B 51 -43.60 22.76 8.94
C LYS B 51 -43.27 23.85 7.92
N THR B 52 -42.09 23.71 7.32
CA THR B 52 -41.33 24.89 6.93
C THR B 52 -41.13 25.14 5.45
N THR B 53 -41.45 26.36 5.04
CA THR B 53 -41.07 26.84 3.73
C THR B 53 -39.56 27.13 3.74
N GLN B 54 -39.23 28.40 3.80
CA GLN B 54 -37.88 28.83 3.52
C GLN B 54 -37.82 30.31 3.81
N SER B 55 -38.97 30.97 3.72
CA SER B 55 -39.04 32.39 4.05
C SER B 55 -38.94 32.58 5.56
N GLU B 56 -39.39 31.58 6.31
CA GLU B 56 -39.29 31.60 7.76
C GLU B 56 -37.94 31.06 8.24
N MET B 57 -37.38 30.09 7.51
CA MET B 57 -36.02 29.62 7.76
C MET B 57 -35.07 30.81 7.80
N LEU B 58 -35.12 31.62 6.76
CA LEU B 58 -34.34 32.84 6.69
C LEU B 58 -34.68 33.74 7.86
N ASP B 59 -35.92 33.68 8.30
CA ASP B 59 -36.35 34.49 9.45
C ASP B 59 -35.68 33.97 10.71
N THR B 60 -35.66 32.65 10.87
CA THR B 60 -34.99 32.01 11.98
C THR B 60 -33.49 32.30 11.94
N ALA B 61 -32.92 32.22 10.74
CA ALA B 61 -31.49 32.42 10.57
C ALA B 61 -31.08 33.88 10.88
N GLU B 62 -31.96 34.83 10.57
CA GLU B 62 -31.65 36.23 10.82
C GLU B 62 -31.84 36.59 12.30
N LYS B 63 -32.81 35.98 12.96
CA LYS B 63 -32.98 36.16 14.40
C LYS B 63 -31.70 35.69 15.11
N LEU B 64 -31.26 34.50 14.71
CA LEU B 64 -30.10 33.82 15.28
C LEU B 64 -28.79 34.58 15.05
N SER B 65 -28.74 35.36 13.98
CA SER B 65 -27.51 36.02 13.56
C SER B 65 -27.15 37.15 14.50
N LYS B 66 -28.10 37.55 15.35
CA LYS B 66 -27.85 38.62 16.31
C LYS B 66 -27.27 38.06 17.62
N LEU B 67 -27.70 36.84 17.95
CA LEU B 67 -27.24 36.15 19.13
C LEU B 67 -25.79 35.69 18.93
N ILE B 68 -25.50 34.99 17.83
CA ILE B 68 -24.15 34.49 17.57
C ILE B 68 -23.41 35.21 16.42
N LYS B 69 -22.07 35.14 16.42
CA LYS B 69 -21.27 35.58 15.27
C LYS B 69 -20.58 34.39 14.57
N MET B 70 -20.58 34.39 13.24
CA MET B 70 -20.09 33.26 12.46
C MET B 70 -18.87 33.60 11.63
N ASP B 71 -17.94 32.64 11.49
CA ASP B 71 -16.85 32.74 10.53
C ASP B 71 -17.49 32.53 9.16
N THR B 72 -17.18 33.41 8.21
CA THR B 72 -17.83 33.37 6.90
C THR B 72 -17.06 32.65 5.81
N LYS B 73 -15.98 31.96 6.17
CA LYS B 73 -15.11 31.38 5.15
C LYS B 73 -15.86 30.34 4.35
N LYS B 74 -16.76 29.60 5.02
CA LYS B 74 -17.45 28.45 4.41
C LYS B 74 -18.52 28.82 3.35
N ILE B 75 -18.78 30.12 3.19
CA ILE B 75 -19.75 30.60 2.19
C ILE B 75 -19.23 30.43 0.75
N THR B 76 -19.95 29.65 -0.05
CA THR B 76 -19.55 29.41 -1.44
C THR B 76 -20.07 30.52 -2.36
N GLU B 77 -19.48 30.65 -3.54
CA GLU B 77 -20.02 31.59 -4.54
C GLU B 77 -21.50 31.32 -4.88
N ARG B 78 -21.87 30.04 -5.01
CA ARG B 78 -23.27 29.68 -5.26
C ARG B 78 -24.20 30.15 -4.13
N ASP B 79 -23.77 29.90 -2.90
CA ASP B 79 -24.44 30.41 -1.71
C ASP B 79 -24.80 31.90 -1.89
N LYS B 80 -23.85 32.68 -2.37
CA LYS B 80 -24.01 34.10 -2.46
C LYS B 80 -24.94 34.46 -3.61
N LYS B 81 -24.88 33.65 -4.67
CA LYS B 81 -25.74 33.88 -5.83
C LYS B 81 -27.18 33.66 -5.42
N ASP B 82 -27.47 32.46 -4.92
CA ASP B 82 -28.82 32.09 -4.51
C ASP B 82 -29.40 33.07 -3.52
N PHE B 83 -28.56 33.48 -2.57
CA PHE B 83 -28.94 34.46 -1.58
C PHE B 83 -29.15 35.85 -2.20
N TRP B 84 -29.46 35.90 -3.48
CA TRP B 84 -29.85 37.13 -4.11
C TRP B 84 -31.36 37.19 -4.32
N ILE B 85 -32.10 36.30 -3.64
CA ILE B 85 -33.55 36.40 -3.56
C ILE B 85 -33.94 37.47 -2.56
N GLN B 86 -32.94 38.13 -2.00
CA GLN B 86 -33.23 39.26 -1.18
C GLN B 86 -33.08 40.51 -2.03
N LEU B 87 -32.32 40.39 -3.11
CA LEU B 87 -32.31 41.52 -4.03
C LEU B 87 -33.19 41.32 -5.26
N HIS B 88 -34.45 40.96 -4.97
CA HIS B 88 -35.66 41.45 -5.65
C HIS B 88 -35.64 41.61 -7.19
N PRO B 89 -36.61 42.36 -7.75
CA PRO B 89 -36.41 43.16 -8.95
C PRO B 89 -35.05 43.81 -9.05
N LYS B 90 -34.08 43.04 -9.47
CA LYS B 90 -32.73 43.47 -9.74
C LYS B 90 -32.24 42.28 -10.54
N LYS B 91 -32.47 41.10 -9.96
CA LYS B 91 -32.38 39.84 -10.68
C LYS B 91 -33.39 39.89 -11.82
N ALA B 92 -34.66 39.72 -11.45
CA ALA B 92 -35.78 39.66 -12.37
C ALA B 92 -35.99 40.96 -13.11
N LYS B 93 -36.65 41.91 -12.46
CA LYS B 93 -37.16 43.12 -13.14
C LYS B 93 -36.12 43.82 -14.02
N ALA B 94 -34.85 43.48 -13.85
CA ALA B 94 -33.79 44.18 -14.55
C ALA B 94 -33.00 43.31 -15.51
N MET B 95 -32.44 42.22 -15.01
CA MET B 95 -31.47 41.47 -15.80
C MET B 95 -32.04 40.36 -16.66
N MET B 96 -33.30 40.01 -16.46
CA MET B 96 -33.84 38.82 -17.14
C MET B 96 -35.04 39.09 -18.03
N THR B 97 -35.14 40.31 -18.58
CA THR B 97 -36.32 40.71 -19.32
C THR B 97 -36.54 39.98 -20.65
N LYS B 98 -35.45 39.55 -21.30
CA LYS B 98 -35.62 38.76 -22.51
C LYS B 98 -36.14 37.38 -22.18
N GLU B 99 -35.62 36.81 -21.10
CA GLU B 99 -36.01 35.48 -20.65
C GLU B 99 -37.36 35.49 -19.94
N GLN B 100 -37.80 36.68 -19.53
CA GLN B 100 -39.12 36.83 -18.94
C GLN B 100 -40.17 36.43 -19.95
N ALA B 101 -40.18 37.14 -21.07
CA ALA B 101 -41.12 36.90 -22.14
C ALA B 101 -41.03 35.49 -22.70
N MET B 102 -39.81 34.98 -22.89
CA MET B 102 -39.59 33.64 -23.41
C MET B 102 -40.30 32.56 -22.59
N LEU B 103 -40.50 32.81 -21.31
CA LEU B 103 -41.35 31.96 -20.48
C LEU B 103 -42.81 32.14 -20.87
N ALA B 104 -43.23 33.39 -20.98
CA ALA B 104 -44.63 33.72 -21.27
C ALA B 104 -45.15 33.19 -22.61
N ASP B 105 -44.27 33.07 -23.61
CA ASP B 105 -44.70 32.42 -24.86
C ASP B 105 -44.33 30.93 -24.85
N GLY B 106 -44.00 30.43 -23.66
CA GLY B 106 -43.70 29.03 -23.48
C GLY B 106 -42.41 28.61 -24.15
N SER B 107 -41.70 29.54 -24.77
CA SER B 107 -40.50 29.19 -25.53
C SER B 107 -39.34 28.73 -24.66
N ILE B 108 -39.48 28.95 -23.34
CA ILE B 108 -38.45 28.67 -22.35
C ILE B 108 -39.09 28.17 -21.05
N LYS B 109 -38.42 27.25 -20.35
CA LYS B 109 -38.96 26.66 -19.10
C LYS B 109 -38.27 27.19 -17.84
N GLN B 110 -38.97 27.13 -16.71
CA GLN B 110 -38.52 27.71 -15.44
C GLN B 110 -37.11 27.29 -14.99
N ASP B 111 -36.67 26.09 -15.36
CA ASP B 111 -35.33 25.62 -15.00
C ASP B 111 -34.25 26.29 -15.84
N GLN B 112 -34.63 26.73 -17.05
CA GLN B 112 -33.71 27.45 -17.95
C GLN B 112 -33.58 28.91 -17.54
N TYR B 113 -34.61 29.44 -16.92
CA TYR B 113 -34.61 30.81 -16.42
C TYR B 113 -33.55 30.88 -15.33
N ASP B 114 -33.67 29.97 -14.37
CA ASP B 114 -32.80 29.87 -13.21
C ASP B 114 -31.34 29.62 -13.60
N LYS B 115 -31.17 28.77 -14.60
CA LYS B 115 -29.85 28.47 -15.15
C LYS B 115 -29.24 29.70 -15.84
N GLN B 116 -30.08 30.53 -16.46
CA GLN B 116 -29.59 31.73 -17.13
C GLN B 116 -29.37 32.90 -16.17
N LEU B 117 -30.22 33.01 -15.16
CA LEU B 117 -30.01 33.97 -14.07
C LEU B 117 -28.67 33.74 -13.36
N LEU B 118 -28.44 32.51 -12.92
CA LEU B 118 -27.21 32.18 -12.22
C LEU B 118 -25.97 32.60 -13.03
N SER B 119 -26.00 32.40 -14.35
CA SER B 119 -24.84 32.74 -15.19
C SER B 119 -24.60 34.25 -15.29
N LYS B 120 -25.67 35.03 -15.19
CA LYS B 120 -25.62 36.49 -15.34
C LYS B 120 -25.20 37.22 -14.07
N ILE B 121 -25.47 36.61 -12.93
CA ILE B 121 -25.09 37.20 -11.65
C ILE B 121 -23.58 37.15 -11.52
N ARG B 122 -22.92 38.30 -11.57
CA ARG B 122 -21.46 38.30 -11.48
C ARG B 122 -20.91 38.60 -10.08
N LYS B 123 -19.60 38.52 -9.96
CA LYS B 123 -18.93 38.64 -8.69
C LYS B 123 -19.03 40.05 -8.12
N SER B 124 -19.13 41.08 -8.98
CA SER B 124 -19.26 42.45 -8.50
C SER B 124 -20.63 42.70 -7.89
N GLN B 125 -21.61 41.92 -8.32
CA GLN B 125 -22.94 41.98 -7.76
C GLN B 125 -23.03 41.29 -6.42
N LEU B 126 -22.20 40.25 -6.22
CA LEU B 126 -22.13 39.52 -4.96
C LEU B 126 -21.56 40.38 -3.84
N ASP B 127 -20.83 41.42 -4.23
CA ASP B 127 -20.26 42.40 -3.30
C ASP B 127 -21.30 43.39 -2.84
N GLU B 128 -22.52 43.24 -3.34
CA GLU B 128 -23.61 44.08 -2.88
C GLU B 128 -24.11 43.45 -1.59
N LEU B 129 -23.57 42.27 -1.27
CA LEU B 129 -23.83 41.64 0.01
C LEU B 129 -23.03 42.32 1.13
N SER B 130 -23.73 42.74 2.19
CA SER B 130 -23.11 43.38 3.34
C SER B 130 -22.58 42.35 4.36
N SER B 131 -21.70 42.80 5.24
CA SER B 131 -21.14 41.92 6.27
C SER B 131 -22.23 41.17 7.04
N LYS B 132 -23.30 41.86 7.46
CA LYS B 132 -24.38 41.16 8.17
C LYS B 132 -25.14 40.20 7.26
N ASP B 133 -25.40 40.62 6.01
CA ASP B 133 -25.94 39.69 5.00
C ASP B 133 -25.19 38.36 5.02
N LEU B 134 -23.86 38.43 4.98
CA LEU B 134 -23.00 37.25 4.96
C LEU B 134 -23.12 36.43 6.24
N GLN B 135 -23.35 37.10 7.38
CA GLN B 135 -23.61 36.41 8.65
C GLN B 135 -24.86 35.50 8.60
N VAL B 136 -25.95 36.03 8.06
CA VAL B 136 -27.21 35.27 7.98
C VAL B 136 -27.05 34.13 7.01
N LEU B 137 -26.31 34.39 5.93
CA LEU B 137 -25.97 33.39 4.93
C LEU B 137 -25.14 32.22 5.50
N ALA B 138 -24.15 32.56 6.33
CA ALA B 138 -23.32 31.52 6.98
C ALA B 138 -24.21 30.56 7.74
N ILE B 139 -25.13 31.15 8.51
CA ILE B 139 -26.15 30.43 9.25
C ILE B 139 -27.13 29.74 8.31
N PHE B 140 -27.67 30.52 7.36
CA PHE B 140 -28.67 30.00 6.42
C PHE B 140 -28.23 28.72 5.70
N ARG B 141 -27.09 28.77 5.01
CA ARG B 141 -26.59 27.57 4.32
C ARG B 141 -26.60 26.30 5.16
N GLU B 142 -26.36 26.43 6.48
CA GLU B 142 -26.28 25.21 7.30
C GLU B 142 -27.69 24.67 7.50
N MET B 143 -28.63 25.57 7.76
CA MET B 143 -30.06 25.22 7.77
C MET B 143 -30.56 24.68 6.43
N ASN B 144 -30.22 25.38 5.35
CA ASN B 144 -30.77 25.07 4.04
C ASN B 144 -30.32 23.73 3.47
N ALA B 145 -29.22 23.19 4.00
CA ALA B 145 -28.75 21.87 3.61
C ALA B 145 -29.28 20.82 4.59
N GLY B 146 -30.51 21.00 5.03
CA GLY B 146 -31.06 20.15 6.06
C GLY B 146 -32.04 19.11 5.57
N THR B 147 -31.61 17.86 5.66
CA THR B 147 -32.52 16.74 5.71
C THR B 147 -33.61 17.06 6.73
N VAL B 148 -34.87 16.96 6.30
CA VAL B 148 -36.02 17.58 6.96
C VAL B 148 -36.24 17.33 8.47
N LEU B 149 -36.31 16.07 8.87
CA LEU B 149 -36.55 15.73 10.27
C LEU B 149 -35.27 15.88 11.07
N ASP B 150 -34.15 16.12 10.38
CA ASP B 150 -32.83 15.94 10.97
C ASP B 150 -32.10 17.23 11.33
N PRO B 151 -31.44 17.22 12.51
CA PRO B 151 -30.71 18.37 13.04
C PRO B 151 -29.46 18.67 12.23
N GLN B 152 -29.17 19.97 12.08
CA GLN B 152 -28.02 20.39 11.32
C GLN B 152 -27.20 21.38 12.12
N MET B 153 -25.90 21.12 12.21
CA MET B 153 -25.00 21.97 12.99
C MET B 153 -24.93 23.41 12.48
N ILE B 154 -25.01 24.36 13.40
CA ILE B 154 -24.86 25.77 13.07
C ILE B 154 -23.53 26.32 13.57
N LYS B 155 -23.24 26.09 14.85
CA LYS B 155 -22.05 26.67 15.46
C LYS B 155 -21.58 25.88 16.68
N ASN B 156 -20.28 25.97 16.93
CA ASN B 156 -19.70 25.49 18.18
C ASN B 156 -19.24 26.70 18.99
N GLU B 157 -20.02 27.09 19.96
CA GLU B 157 -19.68 28.28 20.71
C GLU B 157 -18.74 27.94 21.87
N ASP B 158 -17.55 28.52 21.81
CA ASP B 158 -16.74 28.79 23.00
C ASP B 158 -17.73 29.26 24.06
N VAL B 159 -17.82 28.57 25.19
CA VAL B 159 -18.77 29.00 26.23
C VAL B 159 -18.36 28.57 27.65
N SER B 160 -18.85 29.26 28.67
CA SER B 160 -18.69 28.75 30.04
C SER B 160 -19.75 27.68 30.33
N GLU B 161 -19.41 26.73 31.21
CA GLU B 161 -20.45 25.91 31.84
C GLU B 161 -21.35 26.91 32.56
N LYS B 162 -20.73 27.98 33.05
CA LYS B 162 -21.40 29.04 33.78
C LYS B 162 -21.89 30.19 32.89
N GLU B 163 -22.21 29.85 31.64
CA GLU B 163 -22.67 30.80 30.62
C GLU B 163 -23.76 30.11 29.82
N TYR B 164 -23.51 28.82 29.55
CA TYR B 164 -24.48 27.95 28.89
C TYR B 164 -25.83 28.23 29.47
N ALA B 165 -25.88 28.07 30.78
CA ALA B 165 -26.82 28.71 31.70
C ALA B 165 -27.69 29.77 31.06
N ALA B 166 -27.09 30.94 30.88
CA ALA B 166 -27.81 32.13 30.46
C ALA B 166 -28.43 32.01 29.07
N VAL B 167 -27.67 31.47 28.12
CA VAL B 167 -28.02 31.63 26.71
C VAL B 167 -28.76 30.44 26.10
N SER B 168 -28.78 29.30 26.77
CA SER B 168 -29.56 28.16 26.27
C SER B 168 -31.09 28.38 26.27
N GLN B 169 -31.54 29.60 25.93
CA GLN B 169 -32.96 29.98 25.92
C GLN B 169 -33.77 29.23 24.88
N GLN B 170 -33.19 29.07 23.70
CA GLN B 170 -33.85 28.46 22.56
C GLN B 170 -34.08 26.94 22.70
N LEU B 171 -35.33 26.58 22.97
CA LEU B 171 -35.79 25.18 23.08
C LEU B 171 -36.33 24.74 21.72
N SER B 172 -37.41 25.38 21.32
CA SER B 172 -37.86 25.54 19.95
C SER B 172 -38.58 26.85 20.06
N LYS B 173 -37.92 27.77 20.79
CA LYS B 173 -38.37 29.15 20.94
C LYS B 173 -37.61 30.08 19.97
N LEU B 174 -36.46 29.60 19.47
CA LEU B 174 -36.12 29.83 18.05
C LEU B 174 -36.59 28.51 17.43
N PRO B 175 -37.65 28.59 16.60
CA PRO B 175 -38.62 27.49 16.44
C PRO B 175 -38.05 26.15 16.01
N GLY B 176 -36.82 26.14 15.51
CA GLY B 176 -36.25 24.89 15.04
C GLY B 176 -35.05 24.36 15.82
N VAL B 177 -34.50 25.18 16.70
CA VAL B 177 -33.14 24.93 17.16
C VAL B 177 -33.04 24.06 18.42
N ASN B 178 -31.84 23.57 18.66
CA ASN B 178 -31.52 22.91 19.92
C ASN B 178 -30.06 23.22 20.28
N THR B 179 -29.63 22.75 21.43
CA THR B 179 -28.36 23.21 21.99
C THR B 179 -27.78 22.11 22.86
N SER B 180 -26.46 22.01 22.95
CA SER B 180 -25.84 21.04 23.85
C SER B 180 -24.37 21.35 24.13
N MET B 181 -23.85 20.76 25.20
CA MET B 181 -22.46 20.94 25.55
C MET B 181 -21.65 19.74 25.09
N ASP B 182 -20.49 20.02 24.50
CA ASP B 182 -19.70 18.96 23.92
C ASP B 182 -18.22 19.21 24.14
N TRP B 183 -17.46 18.12 24.16
CA TRP B 183 -16.01 18.21 24.21
C TRP B 183 -15.43 18.33 22.80
N ASP B 184 -14.65 19.38 22.60
CA ASP B 184 -14.09 19.66 21.28
C ASP B 184 -12.58 19.75 21.39
N ARG B 185 -11.86 19.25 20.39
CA ARG B 185 -10.42 19.40 20.41
C ARG B 185 -10.05 20.82 20.03
N LYS B 186 -8.97 21.30 20.66
CA LYS B 186 -8.44 22.65 20.46
C LYS B 186 -7.05 22.49 19.85
N TYR B 187 -6.66 23.39 18.94
CA TYR B 187 -5.36 23.30 18.27
C TYR B 187 -4.62 24.64 18.27
N PRO B 188 -3.84 24.89 19.33
CA PRO B 188 -3.09 26.14 19.51
C PRO B 188 -2.12 26.46 18.38
N TYR B 189 -1.57 25.44 17.74
CA TYR B 189 -0.68 25.66 16.61
C TYR B 189 -1.44 25.62 15.29
N GLY B 190 -2.75 25.80 15.39
CA GLY B 190 -3.63 25.96 14.25
C GLY B 190 -3.67 24.78 13.31
N ASP B 191 -3.38 25.06 12.04
CA ASP B 191 -3.43 24.04 10.98
C ASP B 191 -2.17 23.16 10.88
N THR B 192 -1.16 23.43 11.70
CA THR B 192 0.07 22.65 11.63
C THR B 192 -0.18 21.21 12.09
N LEU B 193 0.27 20.25 11.28
CA LEU B 193 0.23 18.82 11.64
C LEU B 193 -1.17 18.23 11.84
N ARG B 194 -2.22 18.98 11.52
CA ARG B 194 -3.62 18.52 11.75
C ARG B 194 -3.86 17.17 11.13
N GLY B 195 -3.31 16.97 9.93
CA GLY B 195 -3.40 15.70 9.24
C GLY B 195 -2.98 14.55 10.13
N ILE B 196 -1.81 14.68 10.72
CA ILE B 196 -1.25 13.63 11.57
C ILE B 196 -1.99 13.45 12.91
N PHE B 197 -2.43 14.56 13.50
CA PHE B 197 -3.24 14.51 14.71
C PHE B 197 -4.47 13.62 14.55
N GLY B 198 -5.22 13.87 13.47
CA GLY B 198 -6.43 13.09 13.19
C GLY B 198 -7.67 13.73 13.79
N ASP B 199 -8.82 13.08 13.62
CA ASP B 199 -10.07 13.62 14.15
C ASP B 199 -10.72 12.59 15.03
N VAL B 200 -11.37 13.03 16.09
CA VAL B 200 -12.23 12.12 16.85
C VAL B 200 -13.62 12.27 16.27
N SER B 201 -14.39 11.19 16.29
CA SER B 201 -15.72 11.19 15.66
C SER B 201 -16.63 12.22 16.30
N THR B 202 -17.58 12.71 15.51
CA THR B 202 -18.53 13.75 15.94
C THR B 202 -19.59 13.14 16.88
N PRO B 203 -20.15 13.97 17.78
CA PRO B 203 -21.18 13.49 18.72
C PRO B 203 -22.38 12.85 18.02
N ALA B 204 -22.87 13.46 16.92
CA ALA B 204 -23.88 12.84 16.07
C ALA B 204 -23.48 11.43 15.65
N GLU B 205 -22.36 11.34 14.92
CA GLU B 205 -21.73 10.08 14.47
C GLU B 205 -21.80 8.89 15.42
N GLY B 206 -21.32 9.08 16.64
CA GLY B 206 -20.92 7.94 17.46
C GLY B 206 -19.73 7.22 16.81
N ILE B 207 -19.71 5.89 16.87
CA ILE B 207 -18.75 5.14 16.06
C ILE B 207 -19.13 5.32 14.60
N PRO B 208 -18.17 5.74 13.78
CA PRO B 208 -18.48 5.96 12.35
C PRO B 208 -18.73 4.61 11.66
N LYS B 209 -19.79 4.53 10.85
CA LYS B 209 -20.35 3.24 10.43
C LYS B 209 -19.30 2.30 9.87
N GLU B 210 -18.37 2.86 9.09
CA GLU B 210 -17.27 2.06 8.54
C GLU B 210 -16.50 1.31 9.62
N LEU B 211 -16.28 1.95 10.78
CA LEU B 211 -15.46 1.37 11.85
C LEU B 211 -16.28 0.54 12.83
N THR B 212 -17.54 0.23 12.50
CA THR B 212 -18.42 -0.45 13.47
C THR B 212 -17.78 -1.67 14.20
N GLU B 213 -17.31 -2.65 13.43
CA GLU B 213 -16.81 -3.87 14.05
C GLU B 213 -15.47 -3.62 14.74
N HIS B 214 -14.73 -2.64 14.24
CA HIS B 214 -13.42 -2.37 14.81
C HIS B 214 -13.54 -1.87 16.21
N TYR B 215 -14.63 -1.15 16.48
CA TYR B 215 -14.83 -0.58 17.80
C TYR B 215 -15.84 -1.35 18.65
N LEU B 216 -16.93 -1.85 18.07
CA LEU B 216 -17.79 -2.79 18.86
C LEU B 216 -17.05 -4.02 19.36
N SER B 217 -15.98 -4.41 18.67
CA SER B 217 -15.20 -5.55 19.12
C SER B 217 -14.52 -5.22 20.44
N LYS B 218 -14.49 -3.94 20.77
CA LYS B 218 -13.71 -3.42 21.89
C LYS B 218 -14.56 -3.00 23.09
N GLY B 219 -15.84 -3.40 23.08
CA GLY B 219 -16.71 -3.10 24.20
C GLY B 219 -17.30 -1.70 24.13
N TYR B 220 -16.99 -0.97 23.06
CA TYR B 220 -17.59 0.35 22.80
C TYR B 220 -19.08 0.21 22.50
N SER B 221 -19.80 1.32 22.56
CA SER B 221 -21.19 1.37 22.11
C SER B 221 -21.32 2.37 20.96
N ARG B 222 -22.40 2.26 20.19
CA ARG B 222 -22.55 3.03 18.96
C ARG B 222 -22.49 4.54 19.19
N ASN B 223 -22.84 4.97 20.40
CA ASN B 223 -22.89 6.40 20.71
C ASN B 223 -21.55 7.03 21.07
N ASP B 224 -20.57 6.19 21.42
CA ASP B 224 -19.28 6.69 21.88
C ASP B 224 -18.64 7.54 20.79
N ARG B 225 -17.94 8.60 21.19
CA ARG B 225 -17.10 9.34 20.25
C ARG B 225 -15.73 8.66 20.22
N VAL B 226 -15.20 8.39 19.05
CA VAL B 226 -13.95 7.63 18.98
C VAL B 226 -12.99 8.27 17.96
N GLY B 227 -11.70 8.00 18.13
CA GLY B 227 -10.66 8.49 17.24
C GLY B 227 -10.83 7.84 15.87
N LYS B 228 -11.02 8.66 14.84
CA LYS B 228 -11.31 8.20 13.47
C LYS B 228 -10.07 8.10 12.59
N SER B 229 -9.06 8.89 12.91
CA SER B 229 -7.95 8.96 11.96
C SER B 229 -6.65 9.25 12.63
N TYR B 230 -5.58 8.87 11.96
CA TYR B 230 -4.20 9.09 12.41
C TYR B 230 -3.98 8.98 13.94
N LEU B 231 -3.20 9.86 14.56
CA LEU B 231 -2.94 9.76 16.01
C LEU B 231 -4.17 9.49 16.90
N GLU B 232 -5.23 10.26 16.71
CA GLU B 232 -6.47 10.04 17.47
C GLU B 232 -6.93 8.58 17.42
N TYR B 233 -6.75 7.96 16.26
CA TYR B 233 -7.11 6.56 16.06
C TYR B 233 -6.05 5.58 16.59
N GLN B 234 -4.78 5.94 16.41
CA GLN B 234 -3.67 5.08 16.74
C GLN B 234 -3.56 4.92 18.24
N TYR B 235 -3.62 6.05 18.95
CA TYR B 235 -3.51 6.01 20.40
C TYR B 235 -4.89 6.13 21.04
N GLU B 236 -5.92 5.70 20.32
CA GLU B 236 -7.29 5.77 20.85
C GLU B 236 -7.34 5.17 22.24
N ASP B 237 -6.72 4.01 22.43
CA ASP B 237 -6.68 3.32 23.74
C ASP B 237 -6.24 4.18 24.93
N VAL B 238 -5.21 5.02 24.75
CA VAL B 238 -4.69 5.83 25.84
C VAL B 238 -5.34 7.23 25.87
N LEU B 239 -5.61 7.77 24.69
CA LEU B 239 -6.22 9.10 24.61
C LEU B 239 -7.68 9.19 25.14
N ARG B 240 -8.41 8.09 25.11
CA ARG B 240 -9.80 8.12 25.55
C ARG B 240 -9.85 8.28 27.05
N GLY B 241 -10.92 8.89 27.54
CA GLY B 241 -11.16 8.90 28.98
C GLY B 241 -12.23 7.89 29.37
N LYS B 242 -12.22 7.48 30.64
CA LYS B 242 -13.23 6.59 31.22
C LYS B 242 -14.42 7.46 31.63
N LYS B 243 -15.63 7.09 31.21
CA LYS B 243 -16.79 7.95 31.48
C LYS B 243 -17.13 7.97 32.96
N LYS B 244 -17.89 8.98 33.38
CA LYS B 244 -18.49 8.96 34.70
C LYS B 244 -19.88 8.36 34.54
N GLU B 245 -20.13 7.33 35.33
CA GLU B 245 -21.42 6.67 35.36
C GLU B 245 -22.01 6.81 36.77
N MET B 246 -23.23 7.34 36.83
CA MET B 246 -24.07 7.43 38.03
C MET B 246 -25.25 6.47 37.95
N LYS B 247 -25.69 5.94 39.09
CA LYS B 247 -26.93 5.17 39.15
C LYS B 247 -27.85 5.68 40.28
N TYR B 248 -29.09 6.02 39.94
CA TYR B 248 -30.06 6.55 40.90
C TYR B 248 -31.29 5.67 40.98
N THR B 249 -31.90 5.59 42.17
CA THR B 249 -33.19 4.93 42.33
C THR B 249 -34.29 5.94 42.68
N THR B 250 -35.30 6.00 41.83
CA THR B 250 -36.46 6.86 42.07
C THR B 250 -37.64 6.08 42.65
N ASP B 251 -38.68 6.80 43.06
CA ASP B 251 -40.00 6.21 43.26
C ASP B 251 -40.90 6.53 42.05
N LYS B 252 -42.15 6.08 42.07
CA LYS B 252 -43.07 6.38 40.98
C LYS B 252 -43.18 7.89 40.75
N SER B 253 -43.05 8.65 41.82
CA SER B 253 -43.15 10.11 41.75
C SER B 253 -41.96 10.80 41.09
N GLY B 254 -40.83 10.09 40.95
CA GLY B 254 -39.67 10.63 40.28
C GLY B 254 -38.54 11.02 41.21
N LYS B 255 -38.84 11.03 42.50
CA LYS B 255 -37.91 11.46 43.54
C LYS B 255 -36.78 10.46 43.79
N VAL B 256 -35.56 10.96 43.82
CA VAL B 256 -34.36 10.13 43.95
C VAL B 256 -34.21 9.66 45.39
N THR B 257 -34.43 8.36 45.61
CA THR B 257 -34.46 7.81 46.97
C THR B 257 -33.13 7.22 47.39
N SER B 258 -32.34 6.76 46.42
CA SER B 258 -30.94 6.46 46.70
C SER B 258 -30.15 6.78 45.46
N SER B 259 -28.83 6.76 45.57
CA SER B 259 -27.97 6.99 44.44
C SER B 259 -26.60 6.39 44.74
N GLU B 260 -25.84 6.11 43.69
CA GLU B 260 -24.50 5.53 43.86
C GLU B 260 -23.63 5.85 42.66
N VAL B 261 -22.33 5.89 42.86
CA VAL B 261 -21.42 6.22 41.77
C VAL B 261 -20.54 5.02 41.42
N LEU B 262 -20.54 4.68 40.13
CA LEU B 262 -19.85 3.49 39.62
C LEU B 262 -18.49 3.87 39.08
N ASN B 263 -18.41 5.09 38.57
CA ASN B 263 -17.14 5.64 38.15
C ASN B 263 -17.23 7.15 38.14
N PRO B 264 -16.30 7.81 38.85
CA PRO B 264 -16.21 9.28 38.91
C PRO B 264 -15.75 9.82 37.57
N GLY B 265 -15.15 8.94 36.77
CA GLY B 265 -14.58 9.35 35.50
C GLY B 265 -13.16 9.82 35.64
N ALA B 266 -12.42 9.79 34.53
CA ALA B 266 -11.08 10.36 34.48
C ALA B 266 -10.75 10.78 33.06
N ARG B 267 -10.18 11.98 32.90
CA ARG B 267 -9.66 12.45 31.61
C ARG B 267 -8.72 11.41 30.99
N GLY B 268 -8.73 11.29 29.66
CA GLY B 268 -7.81 10.37 29.01
C GLY B 268 -6.35 10.59 29.39
N GLN B 269 -5.46 9.69 28.99
CA GLN B 269 -4.03 9.86 29.33
C GLN B 269 -3.31 10.79 28.33
N ASP B 270 -2.36 11.58 28.82
CA ASP B 270 -1.66 12.49 27.92
C ASP B 270 -0.56 11.79 27.09
N LEU B 271 -0.55 12.06 25.78
CA LEU B 271 0.47 11.53 24.90
C LEU B 271 1.48 12.61 24.51
N LYS B 272 2.73 12.42 24.91
CA LYS B 272 3.84 13.27 24.43
C LYS B 272 4.41 12.73 23.12
N LEU B 273 4.56 13.59 22.12
CA LEU B 273 5.12 13.19 20.83
C LEU B 273 6.60 13.53 20.68
N THR B 274 7.32 12.73 19.90
CA THR B 274 8.72 13.00 19.55
C THR B 274 8.92 14.30 18.76
N ILE B 275 7.90 14.73 18.01
CA ILE B 275 7.93 15.99 17.27
C ILE B 275 8.39 17.17 18.12
N ASP B 276 9.27 18.01 17.57
CA ASP B 276 9.52 19.35 18.11
C ASP B 276 8.71 20.34 17.25
N ILE B 277 7.76 21.08 17.85
CA ILE B 277 6.92 21.95 17.00
C ILE B 277 7.64 23.14 16.45
N ASP B 278 8.70 23.59 17.13
CA ASP B 278 9.51 24.68 16.62
C ASP B 278 10.57 24.14 15.69
N LEU B 279 10.46 22.86 15.38
CA LEU B 279 11.24 22.27 14.31
C LEU B 279 10.28 22.09 13.17
N GLN B 280 9.06 21.70 13.54
CA GLN B 280 8.04 21.35 12.58
C GLN B 280 7.54 22.57 11.77
N LYS B 281 7.20 23.67 12.45
CA LYS B 281 6.76 24.90 11.77
C LYS B 281 7.82 25.57 10.87
N GLU B 282 9.10 25.21 11.03
CA GLU B 282 10.17 25.82 10.24
C GLU B 282 10.29 25.13 8.90
N VAL B 283 10.33 23.81 8.96
CA VAL B 283 10.41 22.97 7.78
C VAL B 283 9.30 23.32 6.80
N GLU B 284 8.08 23.51 7.31
CA GLU B 284 6.96 23.93 6.46
C GLU B 284 7.25 25.27 5.76
N ALA B 285 7.72 26.25 6.52
CA ALA B 285 8.07 27.53 5.94
C ALA B 285 9.20 27.31 4.95
N LEU B 286 10.23 26.58 5.38
CA LEU B 286 11.34 26.23 4.50
C LEU B 286 10.88 25.46 3.27
N LEU B 287 9.84 24.66 3.43
CA LEU B 287 9.26 23.89 2.34
C LEU B 287 8.56 24.82 1.34
N ASP B 288 7.82 25.79 1.88
CA ASP B 288 7.11 26.79 1.07
C ASP B 288 8.09 27.77 0.42
N LYS B 289 9.17 28.12 1.11
CA LYS B 289 10.19 28.95 0.51
C LYS B 289 10.89 28.21 -0.63
N GLN B 290 11.36 27.01 -0.33
CA GLN B 290 12.18 26.27 -1.27
C GLN B 290 11.43 25.59 -2.41
N ILE B 291 10.14 25.86 -2.54
CA ILE B 291 9.43 25.42 -3.73
C ILE B 291 8.77 26.61 -4.43
N LYS B 292 8.76 27.73 -3.72
CA LYS B 292 8.64 29.02 -4.36
C LYS B 292 10.01 29.44 -4.87
N LYS B 293 11.07 29.00 -4.20
CA LYS B 293 12.45 29.27 -4.62
C LYS B 293 12.76 28.48 -5.90
N LEU B 294 11.83 27.61 -6.28
CA LEU B 294 11.88 26.84 -7.52
C LEU B 294 10.55 26.98 -8.26
N ARG B 295 9.79 28.00 -7.87
CA ARG B 295 8.57 28.36 -8.57
C ARG B 295 8.89 28.89 -9.98
N SER B 296 9.94 29.67 -10.05
CA SER B 296 10.30 30.40 -11.26
C SER B 296 11.08 29.57 -12.29
N GLN B 297 11.34 28.30 -11.97
CA GLN B 297 12.24 27.48 -12.80
C GLN B 297 11.58 26.43 -13.72
N GLY B 298 10.26 26.48 -13.85
CA GLY B 298 9.57 25.55 -14.74
C GLY B 298 8.66 24.55 -14.08
N ALA B 299 8.66 24.50 -12.74
CA ALA B 299 7.89 23.49 -11.99
C ALA B 299 6.38 23.74 -12.09
N LYS B 300 5.80 23.33 -13.21
CA LYS B 300 4.41 23.69 -13.56
C LYS B 300 3.42 22.54 -13.36
N ASP B 301 3.95 21.36 -13.13
CA ASP B 301 3.41 20.54 -12.07
C ASP B 301 4.41 19.63 -11.44
N MET B 302 5.39 20.25 -10.78
CA MET B 302 5.93 19.67 -9.56
C MET B 302 4.72 19.73 -8.65
N ASP B 303 4.19 18.56 -8.26
CA ASP B 303 2.89 18.51 -7.58
C ASP B 303 3.00 17.99 -6.14
N ASN B 304 4.18 17.49 -5.79
CA ASN B 304 4.38 16.89 -4.49
C ASN B 304 5.75 17.26 -3.96
N ALA B 305 5.79 17.67 -2.70
CA ALA B 305 7.08 17.92 -2.04
C ALA B 305 7.03 17.51 -0.58
N MET B 306 7.92 16.61 -0.18
CA MET B 306 7.86 16.02 1.16
C MET B 306 9.21 15.93 1.84
N MET B 307 9.18 16.11 3.16
CA MET B 307 10.36 15.91 3.99
C MET B 307 10.00 15.20 5.28
N VAL B 308 10.89 14.29 5.67
CA VAL B 308 10.84 13.60 6.93
C VAL B 308 12.14 13.87 7.69
N VAL B 309 12.08 14.36 8.93
CA VAL B 309 13.30 14.36 9.74
C VAL B 309 13.22 13.62 11.12
N GLN B 310 14.34 13.02 11.51
CA GLN B 310 14.43 12.23 12.73
C GLN B 310 15.88 12.10 13.22
N ASN B 311 16.02 11.43 14.36
CA ASN B 311 17.30 11.10 14.95
C ASN B 311 17.35 9.58 15.00
N PRO B 312 18.54 8.97 14.88
CA PRO B 312 18.59 7.50 14.93
C PRO B 312 18.40 6.82 16.33
N LYS B 313 17.20 7.00 16.90
CA LYS B 313 16.63 6.30 18.08
C LYS B 313 15.18 6.75 18.16
N ASN B 314 14.97 8.03 18.48
CA ASN B 314 13.66 8.57 18.82
C ASN B 314 12.79 9.07 17.66
N GLY B 315 12.82 8.36 16.54
CA GLY B 315 11.99 8.74 15.41
C GLY B 315 11.81 10.25 15.21
N ASP B 316 10.57 10.65 15.01
CA ASP B 316 10.27 11.86 14.25
C ASP B 316 10.31 13.13 15.04
N ILE B 317 11.26 13.99 14.68
CA ILE B 317 11.27 15.36 15.15
C ILE B 317 10.40 16.19 14.22
N LEU B 318 10.20 15.68 13.01
CA LEU B 318 9.61 16.52 12.00
C LEU B 318 8.99 15.73 10.86
N ALA B 319 7.84 16.20 10.37
CA ALA B 319 7.18 15.58 9.21
C ALA B 319 6.18 16.51 8.52
N LEU B 320 6.49 16.97 7.32
CA LEU B 320 5.46 17.69 6.53
C LEU B 320 5.63 17.62 5.01
N ALA B 321 4.50 17.87 4.32
CA ALA B 321 4.46 17.82 2.87
C ALA B 321 3.31 18.65 2.27
N GLY B 322 3.52 19.07 1.03
CA GLY B 322 2.48 19.78 0.30
C GLY B 322 2.20 19.11 -1.03
N LYS B 323 0.96 19.21 -1.49
CA LYS B 323 0.69 19.03 -2.92
C LYS B 323 0.38 20.39 -3.56
N GLN B 324 0.74 20.56 -4.84
CA GLN B 324 0.44 21.81 -5.58
C GLN B 324 -0.31 21.58 -6.88
N ILE B 325 -1.07 22.60 -7.29
CA ILE B 325 -1.69 22.64 -8.62
C ILE B 325 -0.95 23.55 -9.58
N ASN B 326 -0.38 22.96 -10.64
CA ASN B 326 0.09 23.70 -11.83
C ASN B 326 1.12 24.82 -11.59
N LYS B 327 1.48 25.01 -10.33
CA LYS B 327 1.87 26.31 -9.81
C LYS B 327 0.86 27.36 -10.31
N SER B 328 -0.43 27.03 -10.17
CA SER B 328 -1.44 28.05 -9.91
C SER B 328 -1.06 28.48 -8.51
N GLY B 329 -0.39 27.55 -7.81
CA GLY B 329 0.39 27.88 -6.64
C GLY B 329 -0.20 27.34 -5.37
N LYS B 330 -1.41 26.83 -5.46
CA LYS B 330 -2.12 26.40 -4.28
C LYS B 330 -1.44 25.20 -3.61
N MET B 331 -1.00 25.39 -2.36
CA MET B 331 -0.55 24.26 -1.55
C MET B 331 -1.71 23.78 -0.70
N THR B 332 -1.71 22.48 -0.40
CA THR B 332 -2.64 21.92 0.57
C THR B 332 -1.83 20.95 1.43
N ASP B 333 -2.15 20.90 2.72
CA ASP B 333 -1.43 20.06 3.66
C ASP B 333 -1.46 18.58 3.24
N TYR B 334 -0.30 17.93 3.29
CA TYR B 334 -0.17 16.54 2.88
C TYR B 334 0.97 15.85 3.62
N ASP B 335 1.12 16.14 4.91
CA ASP B 335 2.17 15.52 5.73
C ASP B 335 2.02 14.00 5.78
N ILE B 336 0.77 13.53 5.76
CA ILE B 336 0.53 12.09 5.82
C ILE B 336 1.18 11.38 4.62
N GLY B 337 1.45 12.15 3.59
CA GLY B 337 2.03 11.64 2.37
C GLY B 337 3.34 10.92 2.61
N THR B 338 4.04 11.34 3.65
CA THR B 338 5.40 10.88 3.92
C THR B 338 5.47 9.38 4.24
N PHE B 339 4.36 8.80 4.66
CA PHE B 339 4.35 7.36 4.94
C PHE B 339 3.20 6.60 4.27
N THR B 340 2.37 7.30 3.48
CA THR B 340 1.21 6.67 2.82
C THR B 340 1.30 6.67 1.30
N SER B 341 2.14 7.56 0.76
CA SER B 341 2.32 7.69 -0.67
C SER B 341 3.63 7.06 -1.14
N GLN B 342 3.58 6.39 -2.29
CA GLN B 342 4.77 5.78 -2.85
C GLN B 342 5.27 6.56 -4.05
N PHE B 343 6.58 6.77 -4.13
CA PHE B 343 7.11 7.59 -5.20
C PHE B 343 8.37 7.02 -5.81
N ALA B 344 8.46 7.06 -7.15
CA ALA B 344 9.67 6.64 -7.83
C ALA B 344 10.82 7.56 -7.43
N VAL B 345 11.84 6.97 -6.81
CA VAL B 345 12.93 7.68 -6.15
C VAL B 345 14.06 7.75 -7.15
N GLY B 346 15.24 7.31 -6.75
CA GLY B 346 16.35 7.09 -7.67
C GLY B 346 17.64 6.67 -7.05
N SER B 347 18.68 7.45 -7.35
CA SER B 347 20.05 7.08 -7.02
C SER B 347 20.30 6.90 -5.51
N SER B 348 19.41 7.43 -4.67
CA SER B 348 19.59 7.36 -3.21
C SER B 348 19.64 5.92 -2.71
N VAL B 349 19.02 5.03 -3.46
CA VAL B 349 18.92 3.60 -3.12
C VAL B 349 20.27 2.89 -3.16
N LYS B 350 21.19 3.41 -3.98
CA LYS B 350 22.44 2.73 -4.33
C LYS B 350 23.31 2.27 -3.16
N GLY B 351 23.30 3.00 -2.04
CA GLY B 351 24.01 2.56 -0.86
C GLY B 351 23.53 1.18 -0.41
N GLY B 352 22.24 0.91 -0.60
CA GLY B 352 21.68 -0.40 -0.29
C GLY B 352 21.99 -1.40 -1.38
N THR B 353 21.83 -0.95 -2.63
CA THR B 353 22.22 -1.73 -3.81
C THR B 353 23.64 -2.27 -3.65
N LEU B 354 24.53 -1.45 -3.11
CA LEU B 354 25.91 -1.84 -2.83
C LEU B 354 26.02 -2.79 -1.64
N LEU B 355 25.07 -2.74 -0.72
CA LEU B 355 25.10 -3.68 0.41
C LEU B 355 24.60 -5.09 0.04
N ALA B 356 23.57 -5.15 -0.79
CA ALA B 356 23.10 -6.43 -1.32
C ALA B 356 24.20 -7.00 -2.20
N GLY B 357 25.02 -6.10 -2.74
CA GLY B 357 26.19 -6.48 -3.50
C GLY B 357 27.12 -7.29 -2.62
N TYR B 358 27.50 -6.72 -1.47
CA TYR B 358 28.52 -7.33 -0.62
C TYR B 358 28.04 -8.62 0.07
N GLN B 359 26.76 -8.68 0.37
CA GLN B 359 26.23 -9.86 1.06
C GLN B 359 26.21 -11.08 0.16
N ASN B 360 25.95 -10.85 -1.12
CA ASN B 360 25.89 -11.93 -2.11
C ASN B 360 27.21 -12.10 -2.82
N LYS B 361 28.25 -11.48 -2.26
CA LYS B 361 29.61 -11.52 -2.80
C LYS B 361 29.75 -11.17 -4.28
N ALA B 362 28.81 -10.41 -4.83
CA ALA B 362 28.98 -9.82 -6.15
C ALA B 362 30.21 -8.88 -6.17
N ILE B 363 30.21 -7.90 -5.28
CA ILE B 363 31.32 -6.96 -5.13
C ILE B 363 32.10 -7.31 -3.87
N LYS B 364 33.37 -6.90 -3.79
CA LYS B 364 34.13 -7.02 -2.55
C LYS B 364 34.13 -5.66 -1.83
N VAL B 365 34.76 -5.61 -0.66
CA VAL B 365 34.68 -4.46 0.26
C VAL B 365 35.12 -3.12 -0.32
N GLY B 366 35.91 -3.20 -1.38
CA GLY B 366 36.33 -2.02 -2.12
C GLY B 366 36.65 -2.57 -3.47
N GLU B 367 35.90 -2.10 -4.45
CA GLU B 367 35.95 -2.76 -5.75
C GLU B 367 35.80 -1.81 -6.91
N THR B 368 36.48 -2.15 -7.99
CA THR B 368 37.02 -1.16 -8.91
C THR B 368 36.52 -1.12 -10.36
N MET B 369 35.87 -2.17 -10.87
CA MET B 369 35.66 -2.31 -12.33
C MET B 369 34.86 -1.15 -12.92
N VAL B 370 35.23 -0.78 -14.15
CA VAL B 370 35.09 0.61 -14.62
C VAL B 370 33.84 0.97 -15.43
N ASP B 371 33.63 2.28 -15.60
CA ASP B 371 32.46 2.84 -16.27
C ASP B 371 32.62 2.91 -17.78
N GLU B 372 31.52 2.65 -18.49
CA GLU B 372 31.54 2.63 -19.95
C GLU B 372 30.12 2.54 -20.48
N PRO B 373 29.77 3.40 -21.45
CA PRO B 373 28.38 3.50 -21.92
C PRO B 373 27.89 2.22 -22.59
N LEU B 374 27.97 1.09 -21.89
CA LEU B 374 27.97 -0.22 -22.56
C LEU B 374 26.62 -0.78 -23.03
N HIS B 375 26.71 -1.70 -23.97
CA HIS B 375 25.65 -2.01 -24.92
C HIS B 375 25.23 -3.48 -24.85
N PHE B 376 24.03 -3.78 -25.33
CA PHE B 376 23.52 -5.16 -25.32
C PHE B 376 22.95 -5.55 -26.66
N GLN B 377 22.15 -6.61 -26.68
CA GLN B 377 21.43 -7.01 -27.90
C GLN B 377 20.25 -6.11 -28.19
N GLY B 378 19.43 -6.51 -29.17
CA GLY B 378 18.34 -5.70 -29.70
C GLY B 378 18.88 -5.04 -30.94
N GLY B 379 20.17 -4.68 -30.86
CA GLY B 379 20.90 -4.02 -31.94
C GLY B 379 21.47 -2.70 -31.46
N LEU B 380 21.38 -2.48 -30.15
CA LEU B 380 21.42 -1.12 -29.61
C LEU B 380 21.81 -1.00 -28.14
N THR B 381 20.83 -1.22 -27.27
CA THR B 381 20.70 -0.45 -26.03
C THR B 381 21.97 -0.29 -25.19
N LYS B 382 22.23 0.97 -24.78
CA LYS B 382 23.40 1.37 -23.98
C LYS B 382 22.96 1.90 -22.61
N ARG B 383 23.78 2.72 -21.95
CA ARG B 383 23.49 3.14 -20.58
C ARG B 383 23.95 4.54 -20.09
N SER B 384 24.71 4.51 -19.00
CA SER B 384 24.77 5.56 -17.95
C SER B 384 25.11 6.98 -18.31
N TYR B 385 24.09 7.82 -18.46
CA TYR B 385 24.22 9.29 -18.49
C TYR B 385 25.28 9.98 -19.41
N PHE B 386 26.05 9.18 -20.15
CA PHE B 386 26.65 9.61 -21.44
C PHE B 386 26.84 8.42 -22.39
N ASN B 387 27.35 8.68 -23.59
CA ASN B 387 27.21 7.71 -24.68
C ASN B 387 28.48 7.35 -25.45
N LYS B 388 29.60 7.95 -25.06
CA LYS B 388 30.87 7.65 -25.68
C LYS B 388 32.00 7.39 -24.66
N ASN B 389 32.28 8.35 -23.79
CA ASN B 389 33.47 8.31 -22.93
C ASN B 389 33.57 7.11 -21.99
N GLY B 390 34.81 6.68 -21.69
CA GLY B 390 35.04 5.51 -20.85
C GLY B 390 35.73 5.78 -19.51
N HIS B 391 34.91 6.04 -18.48
CA HIS B 391 35.42 6.54 -17.21
C HIS B 391 35.98 5.46 -16.27
N VAL B 392 37.03 5.83 -15.52
CA VAL B 392 38.07 4.86 -15.07
C VAL B 392 37.95 4.21 -13.67
N SER B 393 38.95 4.49 -12.84
CA SER B 393 39.31 3.65 -11.69
C SER B 393 38.50 3.82 -10.39
N ILE B 394 37.26 4.30 -10.50
CA ILE B 394 36.43 4.60 -9.31
C ILE B 394 36.10 3.39 -8.42
N ASN B 395 36.19 3.63 -7.13
CA ASN B 395 35.90 2.63 -6.12
C ASN B 395 34.39 2.41 -5.98
N ASP B 396 34.00 1.54 -5.06
CA ASP B 396 32.60 1.43 -4.67
C ASP B 396 32.16 2.76 -4.07
N LYS B 397 32.95 3.27 -3.13
CA LYS B 397 32.65 4.55 -2.49
C LYS B 397 32.65 5.72 -3.48
N GLN B 398 33.44 5.60 -4.54
CA GLN B 398 33.52 6.70 -5.50
C GLN B 398 32.34 6.70 -6.47
N ALA B 399 31.64 5.58 -6.56
CA ALA B 399 30.51 5.43 -7.48
C ALA B 399 29.29 6.21 -7.00
N LEU B 400 29.20 6.40 -5.69
CA LEU B 400 28.04 7.04 -5.12
C LEU B 400 28.08 8.55 -5.35
N MET B 401 29.27 9.15 -5.33
CA MET B 401 29.38 10.59 -5.60
C MET B 401 29.02 10.95 -7.03
N HIS B 402 29.28 10.01 -7.94
CA HIS B 402 29.00 10.18 -9.36
C HIS B 402 27.54 9.90 -9.65
N SER B 403 26.91 9.13 -8.75
CA SER B 403 25.55 8.63 -8.96
C SER B 403 25.59 7.74 -10.21
N SER B 404 26.71 7.01 -10.33
CA SER B 404 26.94 6.16 -11.50
C SER B 404 25.93 5.01 -11.59
N ASN B 405 25.12 5.01 -12.64
CA ASN B 405 24.20 3.90 -12.92
C ASN B 405 25.02 2.69 -13.30
N VAL B 406 26.19 2.96 -13.85
CA VAL B 406 26.99 1.93 -14.49
C VAL B 406 27.57 0.92 -13.49
N TYR B 407 28.10 1.40 -12.37
CA TYR B 407 28.60 0.50 -11.35
C TYR B 407 27.47 -0.40 -10.81
N MET B 408 26.28 0.18 -10.59
CA MET B 408 25.12 -0.59 -10.12
C MET B 408 24.72 -1.63 -11.15
N PHE B 409 24.52 -1.15 -12.38
CA PHE B 409 24.22 -2.02 -13.52
C PHE B 409 25.22 -3.17 -13.62
N LYS B 410 26.51 -2.89 -13.40
CA LYS B 410 27.53 -3.93 -13.33
C LYS B 410 27.15 -4.92 -12.25
N THR B 411 27.03 -4.42 -11.03
CA THR B 411 26.72 -5.23 -9.85
C THR B 411 25.53 -6.18 -10.00
N ALA B 412 24.43 -5.69 -10.58
CA ALA B 412 23.23 -6.51 -10.81
C ALA B 412 23.55 -7.82 -11.57
N LEU B 413 24.24 -7.69 -12.69
CA LEU B 413 24.69 -8.83 -13.50
C LEU B 413 25.70 -9.71 -12.76
N LYS B 414 26.75 -9.10 -12.22
CA LYS B 414 27.70 -9.82 -11.38
C LYS B 414 26.99 -10.58 -10.26
N LEU B 415 25.88 -10.03 -9.77
CA LEU B 415 25.05 -10.70 -8.76
C LEU B 415 24.11 -11.72 -9.42
N ALA B 416 23.82 -11.50 -10.70
CA ALA B 416 22.93 -12.39 -11.46
C ALA B 416 23.67 -13.57 -12.08
N GLY B 417 24.96 -13.71 -11.76
CA GLY B 417 25.75 -14.78 -12.32
C GLY B 417 26.69 -14.37 -13.44
N ASP B 418 26.17 -13.66 -14.44
CA ASP B 418 26.96 -13.37 -15.63
C ASP B 418 27.40 -11.91 -15.75
N PRO B 419 28.66 -11.63 -15.38
CA PRO B 419 29.24 -10.29 -15.56
C PRO B 419 29.06 -9.80 -17.00
N TYR B 420 29.30 -8.51 -17.23
CA TYR B 420 29.04 -7.91 -18.52
C TYR B 420 30.03 -8.31 -19.61
N TYR B 421 29.50 -8.71 -20.76
CA TYR B 421 30.21 -8.73 -22.03
C TYR B 421 29.31 -8.11 -23.10
N SER B 422 29.90 -7.26 -23.94
CA SER B 422 29.11 -6.45 -24.87
C SER B 422 28.32 -7.28 -25.86
N GLY B 423 27.08 -6.87 -26.11
CA GLY B 423 26.19 -7.64 -26.98
C GLY B 423 25.78 -8.94 -26.32
N MET B 424 25.64 -8.91 -25.01
CA MET B 424 25.08 -10.05 -24.32
C MET B 424 23.57 -9.92 -24.41
N ALA B 425 22.87 -11.03 -24.29
CA ALA B 425 21.43 -10.97 -24.31
C ALA B 425 20.94 -10.69 -22.89
N LEU B 426 19.68 -10.33 -22.76
CA LEU B 426 19.08 -10.21 -21.44
C LEU B 426 19.16 -11.56 -20.76
N PRO B 427 19.65 -11.59 -19.51
CA PRO B 427 19.36 -12.79 -18.73
C PRO B 427 17.84 -13.00 -18.71
N SER B 428 17.36 -14.08 -19.33
CA SER B 428 15.91 -14.30 -19.48
C SER B 428 15.18 -14.75 -18.20
N ASP B 429 15.93 -15.21 -17.20
CA ASP B 429 15.35 -15.44 -15.87
C ASP B 429 16.20 -14.73 -14.83
N ILE B 430 15.59 -13.82 -14.09
CA ILE B 430 16.28 -13.11 -13.03
C ILE B 430 15.50 -13.15 -11.73
N SER B 431 14.67 -14.20 -11.60
CA SER B 431 13.91 -14.44 -10.39
C SER B 431 14.82 -14.33 -9.18
N SER B 432 15.82 -15.22 -9.16
CA SER B 432 16.72 -15.36 -8.02
C SER B 432 17.51 -14.09 -7.68
N PRO B 433 18.29 -13.52 -8.63
CA PRO B 433 19.03 -12.30 -8.27
C PRO B 433 18.14 -11.12 -7.84
N ALA B 434 17.02 -10.92 -8.52
CA ALA B 434 16.08 -9.87 -8.13
C ALA B 434 15.63 -10.04 -6.66
N GLN B 435 15.49 -11.29 -6.24
CA GLN B 435 15.10 -11.59 -4.88
C GLN B 435 16.19 -11.16 -3.90
N LYS B 436 17.43 -11.52 -4.22
CA LYS B 436 18.57 -11.26 -3.34
C LYS B 436 18.78 -9.76 -3.15
N LEU B 437 18.73 -9.02 -4.25
CA LEU B 437 18.70 -7.56 -4.22
C LEU B 437 17.57 -7.04 -3.34
N ARG B 438 16.34 -7.48 -3.64
CA ARG B 438 15.16 -7.05 -2.85
C ARG B 438 15.33 -7.27 -1.34
N ARG B 439 15.74 -8.47 -0.94
CA ARG B 439 15.95 -8.78 0.48
C ARG B 439 16.99 -7.85 1.06
N GLY B 440 18.11 -7.71 0.36
CA GLY B 440 19.12 -6.72 0.66
C GLY B 440 18.51 -5.37 0.97
N LEU B 441 17.71 -4.82 0.06
CA LEU B 441 17.08 -3.49 0.26
C LEU B 441 16.14 -3.47 1.46
N ASN B 442 15.42 -4.57 1.69
CA ASN B 442 14.56 -4.66 2.87
C ASN B 442 15.34 -4.52 4.17
N GLN B 443 16.60 -4.92 4.17
CA GLN B 443 17.40 -4.83 5.40
C GLN B 443 17.50 -3.40 5.89
N VAL B 444 17.46 -2.42 4.98
CA VAL B 444 17.59 -1.02 5.38
C VAL B 444 16.27 -0.27 5.33
N GLY B 445 15.21 -0.98 4.97
CA GLY B 445 13.86 -0.47 5.18
C GLY B 445 13.16 -0.23 3.87
N LEU B 446 13.97 -0.13 2.82
CA LEU B 446 13.49 0.02 1.44
C LEU B 446 12.78 -1.25 1.04
N GLY B 447 11.45 -1.20 0.90
CA GLY B 447 10.71 -2.35 0.42
C GLY B 447 9.80 -3.03 1.43
N VAL B 448 10.01 -2.80 2.72
CA VAL B 448 9.00 -3.22 3.71
C VAL B 448 8.44 -1.98 4.41
N LYS B 449 7.38 -2.17 5.19
CA LYS B 449 6.91 -1.11 6.07
C LYS B 449 7.97 -0.82 7.13
N THR B 450 8.07 0.44 7.55
CA THR B 450 9.06 0.84 8.55
C THR B 450 8.64 0.48 9.98
N GLY B 451 7.35 0.27 10.19
CA GLY B 451 6.82 0.00 11.53
C GLY B 451 6.46 1.26 12.32
N ILE B 452 6.34 2.40 11.65
CA ILE B 452 5.86 3.66 12.25
C ILE B 452 4.53 3.44 13.01
N ASP B 453 4.28 4.23 14.06
CA ASP B 453 3.05 4.16 14.87
C ASP B 453 1.93 5.10 14.36
N LEU B 454 1.51 4.86 13.12
CA LEU B 454 0.47 5.65 12.46
C LEU B 454 -0.12 4.67 11.47
N PRO B 455 -1.46 4.77 11.23
CA PRO B 455 -2.12 3.80 10.35
C PRO B 455 -1.82 4.05 8.85
N ASN B 456 -2.10 3.06 7.99
CA ASN B 456 -2.05 3.22 6.55
C ASN B 456 -0.66 3.40 5.98
N GLU B 457 0.36 2.91 6.67
CA GLU B 457 1.69 2.99 6.08
C GLU B 457 1.74 2.00 4.90
N THR B 458 2.33 2.44 3.80
CA THR B 458 2.47 1.58 2.62
C THR B 458 3.92 1.22 2.43
N ARG B 459 4.13 0.06 1.84
CA ARG B 459 5.48 -0.45 1.74
C ARG B 459 6.03 -0.19 0.36
N GLY B 460 5.17 0.30 -0.54
CA GLY B 460 5.58 0.52 -1.92
C GLY B 460 4.94 -0.44 -2.93
N GLN B 461 4.85 -0.01 -4.18
CA GLN B 461 4.34 -0.87 -5.25
C GLN B 461 5.43 -1.86 -5.64
N ILE B 462 5.18 -3.16 -5.49
CA ILE B 462 6.20 -4.19 -5.79
C ILE B 462 5.76 -5.22 -6.84
N GLU B 463 6.18 -5.01 -8.07
CA GLU B 463 5.74 -5.86 -9.18
C GLU B 463 6.63 -7.11 -9.38
N PRO B 464 6.09 -8.14 -10.06
CA PRO B 464 6.94 -9.35 -10.18
C PRO B 464 8.18 -9.08 -11.05
N LEU B 465 9.26 -9.79 -10.74
CA LEU B 465 10.53 -9.55 -11.40
C LEU B 465 11.17 -10.90 -11.69
N THR B 466 10.98 -11.41 -12.90
CA THR B 466 11.35 -12.78 -13.19
C THR B 466 11.96 -12.89 -14.58
N ASN B 467 11.22 -12.42 -15.58
CA ASN B 467 11.59 -12.57 -16.97
C ASN B 467 11.65 -11.23 -17.70
N ASN B 468 11.39 -10.15 -16.97
CA ASN B 468 11.50 -8.83 -17.59
C ASN B 468 12.65 -8.00 -17.03
N PRO B 469 13.90 -8.39 -17.34
CA PRO B 469 15.04 -7.57 -16.90
C PRO B 469 15.10 -6.21 -17.59
N GLY B 470 14.00 -5.72 -18.14
CA GLY B 470 13.89 -4.33 -18.57
C GLY B 470 13.65 -3.52 -17.31
N ASN B 471 13.44 -4.26 -16.23
CA ASN B 471 13.08 -3.67 -14.94
C ASN B 471 14.10 -3.99 -13.85
N TYR B 472 14.78 -5.12 -14.00
CA TYR B 472 15.67 -5.59 -12.93
C TYR B 472 16.85 -4.67 -12.68
N LEU B 473 17.48 -4.16 -13.74
CA LEU B 473 18.57 -3.21 -13.59
C LEU B 473 18.08 -1.84 -13.11
N ASP B 474 16.87 -1.47 -13.51
CA ASP B 474 16.28 -0.22 -13.05
C ASP B 474 16.18 -0.26 -11.53
N LEU B 475 15.87 -1.45 -11.02
CA LEU B 475 15.77 -1.64 -9.58
C LEU B 475 17.10 -1.35 -8.87
N SER B 476 18.23 -1.60 -9.53
CA SER B 476 19.53 -1.34 -8.92
C SER B 476 19.80 0.15 -8.91
N ILE B 477 19.07 0.88 -9.73
CA ILE B 477 19.18 2.34 -9.77
C ILE B 477 17.85 3.01 -9.40
N GLY B 478 16.98 2.23 -8.75
CA GLY B 478 15.80 2.77 -8.11
C GLY B 478 14.77 3.36 -9.04
N GLN B 479 14.38 2.61 -10.07
CA GLN B 479 13.35 3.08 -11.00
C GLN B 479 12.38 1.98 -11.43
N TYR B 480 12.20 0.98 -10.54
CA TYR B 480 11.14 0.01 -10.71
C TYR B 480 10.18 -0.02 -9.51
N ASP B 481 10.73 0.00 -8.31
CA ASP B 481 9.90 -0.09 -7.10
C ASP B 481 9.87 1.21 -6.28
N THR B 482 8.66 1.65 -6.00
CA THR B 482 8.41 2.94 -5.37
C THR B 482 8.57 2.79 -3.87
N TYR B 483 9.10 3.84 -3.26
CA TYR B 483 9.19 3.89 -1.82
C TYR B 483 8.49 5.12 -1.30
N THR B 484 8.53 5.28 0.02
CA THR B 484 7.95 6.46 0.64
C THR B 484 9.09 7.31 1.20
N PRO B 485 8.82 8.60 1.48
CA PRO B 485 9.82 9.41 2.17
C PRO B 485 10.27 8.80 3.50
N LEU B 486 9.33 8.21 4.23
CA LEU B 486 9.65 7.59 5.51
C LEU B 486 10.61 6.39 5.37
N GLN B 487 10.31 5.50 4.42
CA GLN B 487 11.21 4.39 4.09
C GLN B 487 12.63 4.88 3.76
N LEU B 488 12.74 5.98 3.02
CA LEU B 488 14.05 6.56 2.72
C LEU B 488 14.74 6.98 4.02
N SER B 489 13.97 7.58 4.93
CA SER B 489 14.54 8.10 6.17
C SER B 489 15.05 7.01 7.12
N GLN B 490 14.23 5.94 7.28
CA GLN B 490 14.64 4.76 8.02
C GLN B 490 15.97 4.25 7.41
N TYR B 491 16.01 4.21 6.08
CA TYR B 491 17.19 3.76 5.34
C TYR B 491 18.45 4.60 5.60
N VAL B 492 18.39 5.90 5.35
CA VAL B 492 19.56 6.75 5.53
C VAL B 492 20.01 6.62 6.98
N SER B 493 19.03 6.50 7.88
CA SER B 493 19.30 6.37 9.32
C SER B 493 19.99 5.07 9.70
N THR B 494 19.57 3.97 9.08
CA THR B 494 20.25 2.69 9.27
C THR B 494 21.75 2.84 8.97
N ILE B 495 22.09 3.65 7.97
CA ILE B 495 23.49 3.95 7.65
C ILE B 495 24.17 4.84 8.71
N ALA B 496 23.52 5.91 9.11
CA ALA B 496 24.05 6.74 10.20
C ALA B 496 24.27 5.91 11.46
N ASN B 497 23.31 5.03 11.76
CA ASN B 497 23.37 4.21 12.97
C ASN B 497 24.21 2.93 12.86
N ASP B 498 25.25 2.98 12.03
CA ASP B 498 26.20 1.88 11.88
C ASP B 498 25.58 0.54 11.53
N GLY B 499 24.45 0.57 10.82
CA GLY B 499 23.86 -0.65 10.29
C GLY B 499 22.61 -1.09 10.99
N TYR B 500 22.33 -0.46 12.13
CA TYR B 500 21.14 -0.77 12.93
C TYR B 500 19.88 0.01 12.46
N ARG B 501 19.06 -0.67 11.66
CA ARG B 501 17.74 -0.20 11.26
C ARG B 501 16.84 -0.02 12.49
N ILE B 502 16.12 1.07 12.56
CA ILE B 502 15.34 1.38 13.76
C ILE B 502 13.88 1.63 13.44
N GLN B 503 12.98 1.23 14.33
CA GLN B 503 11.58 1.47 14.09
C GLN B 503 11.22 2.90 14.46
N PRO B 504 10.86 3.71 13.45
CA PRO B 504 10.48 5.09 13.75
C PRO B 504 9.19 5.10 14.56
N HIS B 505 9.06 6.10 15.42
CA HIS B 505 7.87 6.24 16.24
C HIS B 505 7.64 7.72 16.42
N ILE B 506 6.38 8.14 16.39
CA ILE B 506 6.08 9.55 16.59
C ILE B 506 5.70 9.76 18.05
N GLY B 507 5.16 8.70 18.65
CA GLY B 507 4.85 8.71 20.07
C GLY B 507 6.11 8.60 20.93
N LEU B 508 6.30 9.57 21.82
CA LEU B 508 7.45 9.61 22.71
C LEU B 508 7.13 8.99 24.10
N THR B 509 6.16 9.58 24.82
CA THR B 509 5.78 9.06 26.14
C THR B 509 4.28 9.15 26.43
N ILE B 510 3.77 8.10 27.07
CA ILE B 510 2.40 8.05 27.58
C ILE B 510 2.36 8.29 29.10
N HIS B 511 1.49 9.18 29.55
CA HIS B 511 1.44 9.56 30.97
C HIS B 511 0.05 9.30 31.57
N GLU B 512 -0.02 8.79 32.80
CA GLU B 512 -1.33 8.42 33.34
C GLU B 512 -2.24 9.63 33.56
N SER B 513 -3.53 9.31 33.64
CA SER B 513 -4.59 10.30 33.72
C SER B 513 -4.42 11.22 34.92
N THR B 514 -3.70 12.32 34.76
CA THR B 514 -3.66 13.27 35.85
C THR B 514 -4.93 14.12 35.78
N ASN B 515 -5.35 14.65 36.94
CA ASN B 515 -6.62 15.38 37.02
C ASN B 515 -6.63 16.78 37.70
N LYS B 516 -5.48 17.46 37.59
CA LYS B 516 -5.37 18.81 37.04
C LYS B 516 -3.97 19.23 36.62
N ASP B 517 -3.94 20.28 35.81
CA ASP B 517 -3.02 20.32 34.67
C ASP B 517 -1.53 20.54 34.90
N GLU B 518 -0.83 19.41 34.97
CA GLU B 518 0.52 19.24 34.43
C GLU B 518 0.34 17.95 33.65
N VAL B 519 1.42 17.37 33.17
CA VAL B 519 1.34 16.06 32.54
C VAL B 519 1.77 14.99 33.56
N GLY B 520 0.95 13.96 33.72
CA GLY B 520 1.04 13.10 34.90
C GLY B 520 2.17 12.07 34.97
N PRO B 521 2.12 11.19 35.99
CA PRO B 521 3.10 10.11 36.21
C PRO B 521 3.30 9.32 34.94
N LEU B 522 4.56 9.12 34.56
CA LEU B 522 4.88 8.35 33.37
C LEU B 522 4.23 6.98 33.41
N LYS B 523 3.49 6.63 32.37
CA LYS B 523 2.86 5.31 32.26
C LYS B 523 3.63 4.32 31.35
N LYS B 524 3.98 4.73 30.13
CA LYS B 524 4.73 3.88 29.20
C LYS B 524 5.61 4.70 28.24
N LYS B 525 6.82 4.21 27.95
CA LYS B 525 7.72 4.91 27.04
C LYS B 525 7.88 4.19 25.70
N ILE B 526 7.52 4.88 24.62
CA ILE B 526 7.58 4.27 23.29
C ILE B 526 8.99 4.30 22.76
N ASN B 527 9.60 3.13 22.64
CA ASN B 527 11.01 3.07 22.26
C ASN B 527 11.19 2.91 20.78
N GLY B 528 12.31 3.42 20.27
CA GLY B 528 12.77 3.13 18.92
C GLY B 528 13.47 1.78 18.88
N THR B 529 12.68 0.72 18.82
CA THR B 529 13.20 -0.64 18.78
C THR B 529 14.06 -0.92 17.55
N VAL B 530 15.27 -1.44 17.78
CA VAL B 530 16.07 -2.01 16.71
C VAL B 530 15.34 -3.17 16.07
N LEU B 531 15.00 -3.03 14.78
CA LEU B 531 14.33 -4.10 14.05
C LEU B 531 15.37 -5.09 13.55
N ASN B 532 16.53 -4.58 13.12
CA ASN B 532 17.63 -5.45 12.64
C ASN B 532 18.91 -4.73 12.22
N LYS B 533 20.00 -5.48 12.22
CA LYS B 533 21.24 -5.08 11.57
C LYS B 533 21.31 -5.57 10.12
N VAL B 534 22.05 -4.84 9.31
CA VAL B 534 22.37 -5.32 7.98
C VAL B 534 23.37 -6.43 8.24
N ASN B 535 23.27 -7.57 7.56
CA ASN B 535 24.40 -8.49 7.64
C ASN B 535 25.42 -8.16 6.56
N ASN B 536 25.66 -6.86 6.46
CA ASN B 536 26.84 -6.33 5.83
C ASN B 536 27.82 -6.11 6.97
N THR B 537 29.09 -6.07 6.66
CA THR B 537 30.10 -6.16 7.70
C THR B 537 30.51 -4.76 8.20
N GLU B 538 31.16 -4.76 9.37
CA GLU B 538 31.56 -3.54 10.07
C GLU B 538 32.31 -2.53 9.20
N LYS B 539 33.02 -3.02 8.18
CA LYS B 539 33.77 -2.14 7.29
C LYS B 539 33.07 -1.98 5.94
N GLU B 540 32.23 -2.94 5.57
CA GLU B 540 31.32 -2.72 4.46
C GLU B 540 30.33 -1.59 4.77
N ILE B 541 29.98 -1.42 6.06
CA ILE B 541 29.10 -0.33 6.48
C ILE B 541 29.85 1.01 6.41
N LYS B 542 31.05 1.02 6.98
CA LYS B 542 31.90 2.21 7.01
C LYS B 542 32.17 2.73 5.60
N GLN B 543 32.20 1.83 4.63
CA GLN B 543 32.46 2.21 3.24
C GLN B 543 31.26 2.80 2.52
N ILE B 544 30.07 2.57 3.04
CA ILE B 544 28.87 3.24 2.52
C ILE B 544 28.75 4.56 3.26
N GLN B 545 29.23 4.58 4.50
CA GLN B 545 29.40 5.81 5.26
C GLN B 545 30.43 6.66 4.55
N GLU B 546 31.57 6.05 4.23
CA GLU B 546 32.65 6.72 3.50
C GLU B 546 32.18 7.19 2.12
N GLY B 547 31.47 6.33 1.41
CA GLY B 547 30.90 6.69 0.13
C GLY B 547 29.91 7.84 0.19
N PHE B 548 29.09 7.88 1.25
CA PHE B 548 28.15 8.98 1.45
C PHE B 548 28.87 10.25 1.89
N LYS B 549 29.89 10.09 2.74
CA LYS B 549 30.65 11.20 3.34
C LYS B 549 31.44 12.04 2.34
N MET B 550 31.82 11.46 1.21
CA MET B 550 32.55 12.22 0.18
C MET B 550 31.67 12.57 -1.02
N ALA B 551 30.36 12.31 -0.92
CA ALA B 551 29.48 12.48 -2.06
C ALA B 551 28.66 13.75 -1.97
N PHE B 552 28.57 14.30 -0.76
CA PHE B 552 27.81 15.53 -0.53
C PHE B 552 28.76 16.71 -0.61
N ASN B 553 30.04 16.37 -0.76
CA ASN B 553 31.12 17.32 -0.54
C ASN B 553 32.16 17.32 -1.66
N ASP B 554 32.04 16.35 -2.56
CA ASP B 554 32.83 16.39 -3.79
C ASP B 554 32.34 15.48 -4.93
N LYS B 555 31.37 15.99 -5.69
CA LYS B 555 31.09 15.51 -7.04
C LYS B 555 31.51 16.62 -8.00
N ASP B 556 32.74 16.55 -8.50
CA ASP B 556 33.31 17.65 -9.24
C ASP B 556 34.38 17.08 -10.16
N THR B 558 26.58 14.05 -7.49
CA THR B 558 25.96 15.37 -7.37
C THR B 558 25.87 15.79 -5.90
N GLY B 559 24.91 16.66 -5.62
CA GLY B 559 24.63 17.06 -4.25
C GLY B 559 25.62 18.04 -3.66
N TYR B 560 26.80 18.15 -4.26
CA TYR B 560 27.84 19.06 -3.80
C TYR B 560 27.34 20.50 -3.86
N VAL B 561 26.51 20.78 -4.86
CA VAL B 561 25.84 22.06 -5.06
C VAL B 561 25.07 22.57 -3.82
N SER B 562 24.21 21.73 -3.28
CA SER B 562 23.34 22.13 -2.18
C SER B 562 23.97 21.87 -0.82
N PHE B 563 24.78 20.83 -0.73
CA PHE B 563 25.36 20.47 0.55
C PHE B 563 26.79 20.89 0.77
N LYS B 564 27.31 21.67 -0.18
CA LYS B 564 28.60 22.40 -0.11
C LYS B 564 28.85 22.88 1.31
N ASP B 565 29.84 22.29 1.98
CA ASP B 565 29.85 22.35 3.45
C ASP B 565 29.86 23.73 4.11
N THR B 566 28.88 23.90 4.98
CA THR B 566 28.37 25.20 5.43
C THR B 566 28.35 25.30 6.97
N VAL B 567 27.28 24.76 7.58
CA VAL B 567 27.28 24.41 9.01
C VAL B 567 27.70 22.99 9.03
N VAL B 568 27.52 22.41 7.85
CA VAL B 568 26.97 21.08 7.68
C VAL B 568 28.02 19.96 7.60
N PRO B 569 28.34 19.34 8.74
CA PRO B 569 29.21 18.15 8.69
C PRO B 569 28.27 16.96 8.46
N THR B 570 27.71 16.90 7.25
CA THR B 570 26.68 15.94 6.88
C THR B 570 27.06 15.08 5.68
N ALA B 571 26.93 13.77 5.82
CA ALA B 571 26.99 12.84 4.70
C ALA B 571 25.58 12.68 4.12
N GLY B 572 25.48 12.16 2.90
CA GLY B 572 24.19 11.98 2.27
C GLY B 572 24.26 11.34 0.90
N LYS B 573 23.15 11.38 0.15
CA LYS B 573 23.16 10.89 -1.24
C LYS B 573 21.92 11.36 -1.99
N THR B 574 22.04 11.61 -3.29
CA THR B 574 20.92 12.14 -4.06
C THR B 574 20.30 11.11 -4.98
N GLY B 575 19.13 11.45 -5.48
CA GLY B 575 18.34 10.56 -6.29
C GLY B 575 17.86 11.37 -7.44
N THR B 576 18.44 11.06 -8.57
CA THR B 576 18.46 11.94 -9.72
C THR B 576 17.24 11.63 -10.62
N ALA B 577 16.42 10.65 -10.20
CA ALA B 577 15.74 9.75 -11.16
C ALA B 577 14.48 10.09 -11.98
N GLU B 578 14.36 9.36 -13.08
CA GLU B 578 13.55 9.74 -14.25
C GLU B 578 12.21 9.02 -14.39
N VAL B 579 11.14 9.83 -14.45
CA VAL B 579 9.79 9.36 -14.71
C VAL B 579 9.45 9.53 -16.18
N PHE B 580 8.16 9.63 -16.43
CA PHE B 580 7.63 10.42 -17.54
C PHE B 580 6.26 10.95 -17.12
N GLN B 581 5.29 10.05 -17.08
CA GLN B 581 3.86 10.33 -16.94
C GLN B 581 3.44 11.57 -16.13
N ASN B 582 2.53 12.33 -16.72
CA ASN B 582 1.85 13.44 -16.08
C ASN B 582 0.76 13.78 -17.06
N GLU B 584 2.94 12.34 -20.13
CA GLU B 584 3.79 13.44 -20.56
C GLU B 584 4.93 13.71 -19.57
N PRO B 585 6.19 13.53 -20.03
CA PRO B 585 7.43 13.39 -19.25
C PRO B 585 7.85 14.52 -18.33
N ARG B 586 8.17 14.16 -17.08
CA ARG B 586 8.86 15.02 -16.10
C ARG B 586 9.94 14.20 -15.38
N VAL B 587 10.50 14.76 -14.30
CA VAL B 587 11.42 14.02 -13.44
C VAL B 587 11.03 14.08 -11.95
N ASN B 588 11.44 13.07 -11.18
CA ASN B 588 11.33 13.10 -9.73
C ASN B 588 12.72 13.34 -9.12
N SER B 589 12.79 14.18 -8.10
CA SER B 589 14.06 14.44 -7.44
C SER B 589 13.90 14.15 -5.96
N THR B 590 14.89 13.44 -5.43
CA THR B 590 14.90 13.01 -4.04
C THR B 590 16.27 13.28 -3.47
N TYR B 591 16.34 13.49 -2.16
CA TYR B 591 17.61 13.57 -1.45
C TYR B 591 17.41 12.87 -0.09
N ILE B 592 18.35 12.00 0.30
CA ILE B 592 18.45 11.57 1.71
C ILE B 592 19.80 12.03 2.21
N GLY B 593 20.03 11.95 3.52
CA GLY B 593 21.31 12.40 4.06
C GLY B 593 21.24 12.44 5.58
N TYR B 594 22.39 12.51 6.24
CA TYR B 594 22.39 12.55 7.70
C TYR B 594 23.43 13.47 8.30
N ALA B 595 23.03 14.12 9.41
CA ALA B 595 23.88 15.16 9.98
C ALA B 595 24.90 14.59 11.00
N PRO B 596 25.36 15.39 11.98
CA PRO B 596 26.81 15.48 12.27
C PRO B 596 27.55 14.15 12.12
N ILE B 597 28.34 14.02 11.07
CA ILE B 597 29.06 12.79 10.71
C ILE B 597 29.74 12.05 11.89
N ASP B 598 30.39 12.78 12.79
CA ASP B 598 31.03 12.17 13.96
C ASP B 598 30.07 11.23 14.73
N ASP B 599 29.05 11.80 15.37
CA ASP B 599 28.15 11.07 16.27
C ASP B 599 26.70 11.49 15.95
N PRO B 600 26.14 10.97 14.85
CA PRO B 600 24.98 11.49 14.12
C PRO B 600 23.71 11.69 14.95
N LYS B 601 23.04 12.83 14.76
CA LYS B 601 21.93 13.19 15.62
C LYS B 601 20.72 13.57 14.79
N LEU B 602 20.94 13.73 13.50
CA LEU B 602 19.86 14.07 12.59
C LEU B 602 19.88 13.27 11.30
N ALA B 603 18.71 12.82 10.86
CA ALA B 603 18.60 12.21 9.54
C ALA B 603 17.40 12.81 8.82
N PHE B 604 17.46 12.82 7.50
CA PHE B 604 16.39 13.41 6.71
C PHE B 604 16.19 12.73 5.36
N SER B 605 15.03 12.99 4.76
CA SER B 605 14.77 12.61 3.37
C SER B 605 13.77 13.58 2.75
N ILE B 606 13.88 13.78 1.44
CA ILE B 606 13.09 14.76 0.73
C ILE B 606 12.68 14.16 -0.60
N VAL B 607 11.48 14.48 -1.10
CA VAL B 607 11.05 14.01 -2.42
C VAL B 607 10.26 15.07 -3.21
N TYR B 608 10.76 15.48 -4.37
CA TYR B 608 9.95 16.29 -5.26
C TYR B 608 9.48 15.46 -6.44
N THR B 609 8.18 15.52 -6.70
CA THR B 609 7.68 14.80 -7.86
C THR B 609 7.23 15.68 -9.02
N ASN B 610 7.60 15.24 -10.22
CA ASN B 610 7.26 15.87 -11.48
C ASN B 610 7.85 17.26 -11.67
N GLN B 611 9.07 17.45 -11.16
CA GLN B 611 9.96 18.47 -11.67
C GLN B 611 10.11 18.20 -13.17
N PRO B 612 9.84 19.22 -14.00
CA PRO B 612 9.92 19.00 -15.44
C PRO B 612 11.36 18.90 -15.91
N VAL B 613 12.27 19.03 -14.95
CA VAL B 613 13.60 19.54 -15.20
C VAL B 613 14.72 18.52 -14.97
N PRO B 614 15.24 17.94 -16.07
CA PRO B 614 16.37 16.98 -15.99
C PRO B 614 17.78 17.56 -15.67
N PRO B 615 18.33 18.51 -16.49
CA PRO B 615 19.78 18.81 -16.45
C PRO B 615 20.32 19.16 -15.05
N PRO B 616 21.66 19.09 -14.86
CA PRO B 616 22.23 19.46 -13.56
C PRO B 616 22.07 20.94 -13.21
N TRP B 617 20.98 21.24 -12.51
CA TRP B 617 20.74 22.56 -11.93
C TRP B 617 20.09 22.52 -10.53
N LEU B 618 18.76 22.34 -10.50
CA LEU B 618 17.95 22.59 -9.30
C LEU B 618 18.51 22.15 -7.96
N THR B 619 19.12 23.13 -7.29
CA THR B 619 19.64 23.02 -5.93
C THR B 619 18.55 22.69 -4.90
N GLY B 620 17.38 22.26 -5.38
CA GLY B 620 16.28 21.83 -4.53
C GLY B 620 16.57 21.03 -3.26
N GLY B 621 17.75 20.43 -3.16
CA GLY B 621 18.20 19.86 -1.90
C GLY B 621 18.71 20.90 -0.92
N ASP B 622 18.59 22.17 -1.28
CA ASP B 622 19.02 23.29 -0.43
C ASP B 622 18.04 23.41 0.74
N LEU B 623 16.81 22.95 0.52
CA LEU B 623 15.84 22.71 1.60
C LEU B 623 16.42 21.79 2.65
N GLY B 624 17.13 20.77 2.17
CA GLY B 624 17.91 19.90 3.03
C GLY B 624 18.92 20.69 3.82
N ARG B 625 19.79 21.43 3.14
CA ARG B 625 20.81 22.22 3.82
C ARG B 625 20.14 23.23 4.73
N ASP B 626 19.05 23.83 4.26
CA ASP B 626 18.29 24.83 5.00
C ASP B 626 17.94 24.42 6.44
N VAL B 627 17.77 23.12 6.68
CA VAL B 627 17.29 22.70 8.01
C VAL B 627 18.43 22.37 8.97
N ILE B 628 19.56 21.95 8.42
CA ILE B 628 20.71 21.55 9.22
C ILE B 628 21.21 22.70 10.11
N ASN B 629 21.37 23.89 9.54
CA ASN B 629 21.77 25.07 10.32
C ASN B 629 20.90 25.32 11.55
N TYR B 630 19.58 25.24 11.37
CA TYR B 630 18.63 25.51 12.44
C TYR B 630 18.94 24.62 13.63
N TYR B 631 19.22 23.35 13.33
CA TYR B 631 19.33 22.34 14.38
C TYR B 631 20.67 22.39 15.12
N PHE B 632 21.71 22.84 14.43
CA PHE B 632 23.06 22.65 14.92
C PHE B 632 23.85 23.93 15.27
N LYS B 633 23.17 25.05 15.41
CA LYS B 633 23.88 26.29 15.71
C LYS B 633 24.55 26.24 17.07
#